data_2FYV
#
_entry.id   2FYV
#
_cell.length_a   68.806
_cell.length_b   108.635
_cell.length_c   137.384
_cell.angle_alpha   90.00
_cell.angle_beta   90.00
_cell.angle_gamma   90.00
#
_symmetry.space_group_name_H-M   'P 21 21 21'
#
loop_
_entity.id
_entity.type
_entity.pdbx_description
1 polymer 'putative golgi alpha-mannosidase II'
2 non-polymer 2-acetamido-2-deoxy-beta-D-glucopyranose
3 non-polymer 'PHOSPHATE ION'
4 non-polymer 'ZINC ION'
5 non-polymer '6-DEOXY-6-[(2R,3R,4R)-3,4-DIHYDROXY-2-(HYDROXYMETHYL)PYRROLIDIN-1-YL]-L-GULONIC ACID'
6 non-polymer (4S)-2-METHYL-2,4-PENTANEDIOL
7 water water
#
_entity_poly.entity_id   1
_entity_poly.type   'polypeptide(L)'
_entity_poly.pdbx_seq_one_letter_code
;RSSHHHHHHGEFDDPIRPPLKVARSPRPGQCQDVVQDVPNVDVQMLELYDRMSFKDIDGGVWKQGWNIKYDPLKYNAHHK
LKVFVVPHSHNDPGWIQTFEEYYQHDTKHILSNALRHLHDNPEMKFIWAEISYFARFYHDLGENKKLQMKSIVKNGQLEF
VTGGWVMPDEANSHWRNVLLQLTEGQTWLKQFMNVTPTASWAIDPFGHSPTMPYILQKSGFKNMLIQRTHYSVKKELAQQ
RQLEFLWRQIWDNKGDTALFTHMMPFYSYDIPHTCGPDPKVCCQFDFKRMGSFGLSCPWKVPPRTISDQNVAARSDLLVD
QWKKKAELYRTNVLLIPLGDDFRFKQNTEWDVQRVNYERLFEHINSQAHFNVQAQFGTLQEYFDAVHQAERAGQAEFPTL
SGDFFTYADRSDNYWSGYYTSRPYHKRMDRVLMHYVRAAEMLSAWHSWDGMARIEERLEQARRELSLFQHHDGITGTAKT
HVVVDYEQRMQEALKACQMVMQQSVYRLLTKPSIYSPDFSFSYFTLDDSRWPGSGVEDSRTTIILGEDILPSKHVVMHNT
LPHWREQLVDFYVSSPFVSVTDLANNPVEAQVSPVWSWHHDTLTKTIHPQGSTTKYRIIFKARVPPMGLATYVLTISDSK
PEHTSYASNLLLRKNPTSLPLGQYPEDVKFGDPREISLRVGNGPTLAFSEQGLLKSIQLTQDSPHVPVHFKFLKYGVRSH
GDRSGAYLFLPNGPASPVELGQPVVLVTKGKLESSVSVGLPSVVHQTIMRGGAPEIRNLVDIGSLDNTEIVMRLETHIDS
GDIFYTDLNGLQFIKRRRLDKLPLQANYYPIPSGMFIEDANTRLTLLTGQPLGGSSLASGELEIMQDRRLASDDERGLGQ
GVLDNKPVLHIYRLVLEKVNNCVRPSKLHPAGYLTSAAHKASQSLLDPLDKFIFAENEWIGAQGQFGGDHPSAREDLDVS
VMRRLTKSSAKTQRVGYVLHRTNLMQCGTPEEHTQKLDVCHLLPNVARCERTTLTFLQNLEHLDGMVAPEVCPMETAAYV
SSHSS
;
_entity_poly.pdbx_strand_id   A
#
loop_
_chem_comp.id
_chem_comp.type
_chem_comp.name
_chem_comp.formula
MPD non-polymer (4S)-2-METHYL-2,4-PENTANEDIOL 'C6 H14 O2'
NAG D-saccharide, beta linking 2-acetamido-2-deoxy-beta-D-glucopyranose 'C8 H15 N O6'
PO4 non-polymer 'PHOSPHATE ION' 'O4 P -3'
W72 non-polymer '6-DEOXY-6-[(2R,3R,4R)-3,4-DIHYDROXY-2-(HYDROXYMETHYL)PYRROLIDIN-1-YL]-L-GULONIC ACID' 'C11 H21 N O9'
ZN non-polymer 'ZINC ION' 'Zn 2'
#
# COMPACT_ATOMS: atom_id res chain seq x y z
N CYS A 31 6.38 -20.58 -19.08
CA CYS A 31 6.48 -19.18 -18.50
C CYS A 31 6.76 -18.12 -19.54
N GLN A 32 5.97 -17.07 -19.59
CA GLN A 32 6.21 -15.97 -20.54
C GLN A 32 7.52 -15.27 -20.15
N ASP A 33 8.14 -14.62 -21.13
CA ASP A 33 9.37 -13.86 -20.92
C ASP A 33 8.88 -12.45 -20.59
N VAL A 34 9.07 -11.99 -19.36
CA VAL A 34 8.57 -10.66 -19.04
C VAL A 34 9.56 -9.53 -19.29
N VAL A 35 10.74 -9.88 -19.85
CA VAL A 35 11.77 -8.89 -20.12
C VAL A 35 11.96 -8.53 -21.60
N GLN A 36 12.03 -9.57 -22.43
CA GLN A 36 12.33 -9.35 -23.84
C GLN A 36 11.25 -9.27 -24.91
N ASP A 37 10.01 -9.55 -24.58
CA ASP A 37 8.95 -9.47 -25.57
C ASP A 37 8.09 -8.29 -25.20
N VAL A 38 8.15 -7.20 -25.97
CA VAL A 38 7.35 -6.03 -25.64
C VAL A 38 5.90 -6.31 -26.05
N PRO A 39 4.94 -6.18 -25.13
CA PRO A 39 3.56 -6.46 -25.55
C PRO A 39 3.05 -5.50 -26.58
N ASN A 40 2.18 -6.04 -27.43
CA ASN A 40 1.54 -5.22 -28.44
C ASN A 40 0.09 -4.93 -27.97
N VAL A 41 -0.18 -3.70 -27.55
CA VAL A 41 -1.51 -3.33 -27.05
C VAL A 41 -2.03 -2.13 -27.83
N ASP A 42 -3.37 -1.95 -27.87
CA ASP A 42 -3.94 -0.83 -28.60
C ASP A 42 -3.63 0.49 -27.92
N VAL A 43 -3.61 0.50 -26.59
CA VAL A 43 -3.31 1.69 -25.84
C VAL A 43 -2.25 1.35 -24.76
N GLN A 44 -1.12 2.04 -24.83
CA GLN A 44 -0.08 1.84 -23.84
C GLN A 44 0.00 3.23 -23.22
N MET A 45 -0.36 3.35 -21.95
CA MET A 45 -0.42 4.66 -21.32
C MET A 45 0.84 5.56 -21.34
N LEU A 46 2.05 4.97 -21.28
CA LEU A 46 3.26 5.82 -21.34
C LEU A 46 3.34 6.42 -22.77
N GLU A 47 3.07 5.58 -23.77
CA GLU A 47 3.10 6.06 -25.16
C GLU A 47 1.99 7.09 -25.38
N LEU A 48 0.81 6.87 -24.81
CA LEU A 48 -0.24 7.85 -24.99
C LEU A 48 0.19 9.18 -24.33
N TYR A 49 0.83 9.08 -23.16
CA TYR A 49 1.23 10.28 -22.48
C TYR A 49 2.21 11.13 -23.29
N ASP A 50 3.07 10.47 -24.03
CA ASP A 50 4.07 11.12 -24.86
C ASP A 50 3.44 11.95 -25.98
N ARG A 51 2.40 11.40 -26.63
CA ARG A 51 1.71 12.07 -27.73
C ARG A 51 0.61 13.05 -27.38
N MET A 52 -0.11 12.79 -26.30
CA MET A 52 -1.22 13.62 -25.88
C MET A 52 -0.86 15.05 -25.59
N SER A 53 -1.80 15.95 -25.87
CA SER A 53 -1.59 17.38 -25.66
C SER A 53 -1.90 17.95 -24.26
N PHE A 54 -2.78 17.31 -23.49
CA PHE A 54 -3.15 17.82 -22.14
C PHE A 54 -3.63 19.26 -22.09
N LYS A 55 -4.11 19.80 -23.21
CA LYS A 55 -4.57 21.19 -23.18
C LYS A 55 -5.87 21.20 -22.42
N ASP A 56 -6.05 22.21 -21.60
CA ASP A 56 -7.24 22.35 -20.79
C ASP A 56 -8.22 23.40 -21.40
N ILE A 57 -8.97 23.04 -22.43
CA ILE A 57 -9.88 23.98 -23.05
C ILE A 57 -11.32 23.71 -22.61
N ASP A 58 -12.12 24.76 -22.59
CA ASP A 58 -13.51 24.69 -22.19
C ASP A 58 -14.27 23.95 -23.29
N GLY A 59 -14.81 22.77 -22.99
CA GLY A 59 -15.54 22.03 -24.02
C GLY A 59 -17.05 22.33 -24.05
N GLY A 60 -17.51 23.36 -23.37
CA GLY A 60 -18.95 23.61 -23.34
C GLY A 60 -19.59 23.05 -22.04
N VAL A 61 -20.82 22.53 -22.11
CA VAL A 61 -21.49 22.00 -20.92
C VAL A 61 -20.65 20.87 -20.32
N TRP A 62 -20.00 20.09 -21.18
CA TRP A 62 -19.07 19.06 -20.77
C TRP A 62 -17.75 19.86 -20.75
N LYS A 63 -17.48 20.49 -19.61
CA LYS A 63 -16.31 21.36 -19.51
C LYS A 63 -15.00 20.80 -20.02
N GLN A 64 -14.79 19.51 -19.83
CA GLN A 64 -13.51 18.94 -20.23
C GLN A 64 -13.59 18.00 -21.41
N GLY A 65 -14.70 18.11 -22.14
CA GLY A 65 -14.89 17.27 -23.31
C GLY A 65 -15.22 18.13 -24.53
N TRP A 66 -16.35 17.83 -25.15
CA TRP A 66 -16.82 18.56 -26.34
C TRP A 66 -18.35 18.36 -26.44
N ASN A 67 -19.01 19.07 -27.38
CA ASN A 67 -20.45 18.92 -27.54
C ASN A 67 -20.73 17.63 -28.26
N ILE A 68 -21.16 16.63 -27.51
CA ILE A 68 -21.40 15.37 -28.16
C ILE A 68 -22.60 15.40 -29.10
N LYS A 69 -22.50 14.70 -30.22
CA LYS A 69 -23.63 14.68 -31.13
C LYS A 69 -23.91 13.22 -31.49
N TYR A 70 -25.17 12.91 -31.77
CA TYR A 70 -25.53 11.56 -32.14
C TYR A 70 -26.54 11.53 -33.30
N ASP A 71 -26.58 10.40 -34.01
CA ASP A 71 -27.53 10.20 -35.07
C ASP A 71 -28.78 9.54 -34.47
N PRO A 72 -29.89 10.30 -34.39
CA PRO A 72 -31.14 9.78 -33.85
C PRO A 72 -31.61 8.47 -34.48
N LEU A 73 -31.13 8.16 -35.69
CA LEU A 73 -31.54 6.91 -36.37
C LEU A 73 -30.63 5.71 -36.01
N LYS A 74 -29.67 5.96 -35.13
CA LYS A 74 -28.78 4.91 -34.66
C LYS A 74 -29.59 3.80 -33.95
N TYR A 75 -30.69 4.22 -33.33
CA TYR A 75 -31.56 3.33 -32.58
C TYR A 75 -32.91 3.29 -33.25
N ASN A 76 -33.47 2.09 -33.26
CA ASN A 76 -34.78 1.82 -33.84
C ASN A 76 -35.33 0.55 -33.19
N ALA A 77 -36.54 0.14 -33.55
CA ALA A 77 -37.21 -1.03 -32.94
C ALA A 77 -36.38 -2.27 -32.80
N HIS A 78 -35.51 -2.52 -33.76
CA HIS A 78 -34.67 -3.71 -33.71
C HIS A 78 -33.35 -3.43 -33.02
N HIS A 79 -33.04 -2.15 -32.81
CA HIS A 79 -31.78 -1.80 -32.16
C HIS A 79 -31.96 -0.67 -31.14
N LYS A 80 -32.44 -1.06 -29.98
CA LYS A 80 -32.70 -0.13 -28.92
C LYS A 80 -31.53 0.06 -27.97
N LEU A 81 -31.54 1.18 -27.25
CA LEU A 81 -30.53 1.49 -26.24
C LEU A 81 -31.03 0.86 -24.89
N LYS A 82 -30.29 -0.10 -24.32
CA LYS A 82 -30.70 -0.71 -23.05
C LYS A 82 -29.95 0.09 -21.97
N VAL A 83 -30.72 0.74 -21.09
CA VAL A 83 -30.19 1.62 -20.07
C VAL A 83 -30.37 0.97 -18.71
N PHE A 84 -29.27 0.86 -17.96
CA PHE A 84 -29.32 0.31 -16.60
C PHE A 84 -28.96 1.43 -15.60
N VAL A 85 -29.92 1.80 -14.76
CA VAL A 85 -29.74 2.80 -13.75
C VAL A 85 -29.40 2.00 -12.50
N VAL A 86 -28.18 2.22 -12.03
CA VAL A 86 -27.69 1.45 -10.87
C VAL A 86 -27.59 2.31 -9.61
N PRO A 87 -28.57 2.18 -8.70
CA PRO A 87 -28.50 3.00 -7.46
C PRO A 87 -27.29 2.55 -6.59
N HIS A 88 -26.64 3.50 -5.92
CA HIS A 88 -25.46 3.20 -5.12
C HIS A 88 -25.28 4.29 -4.05
N SER A 89 -24.44 4.01 -3.03
CA SER A 89 -24.23 4.95 -1.96
C SER A 89 -22.75 4.84 -1.55
N HIS A 90 -21.98 5.90 -1.69
CA HIS A 90 -20.53 5.82 -1.37
C HIS A 90 -20.37 6.01 0.11
N ASN A 91 -19.96 4.97 0.82
CA ASN A 91 -19.81 5.06 2.29
C ASN A 91 -18.34 4.99 2.68
N ASP A 92 -17.76 6.12 2.98
CA ASP A 92 -16.32 6.12 3.33
C ASP A 92 -16.15 5.54 4.73
N PRO A 93 -15.23 4.55 4.92
CA PRO A 93 -15.07 4.00 6.28
C PRO A 93 -14.12 4.95 7.05
N GLY A 94 -14.64 6.15 7.38
CA GLY A 94 -13.81 7.15 8.06
C GLY A 94 -13.33 8.15 6.97
N TRP A 95 -13.45 9.42 7.30
CA TRP A 95 -13.00 10.54 6.48
C TRP A 95 -13.18 11.82 7.32
N ILE A 96 -14.39 12.41 7.27
CA ILE A 96 -14.81 13.62 8.01
C ILE A 96 -15.27 13.15 9.43
N GLN A 97 -15.72 11.89 9.52
CA GLN A 97 -16.13 11.32 10.82
C GLN A 97 -15.37 10.02 10.93
N THR A 98 -15.40 9.40 12.10
CA THR A 98 -14.71 8.13 12.22
C THR A 98 -15.67 7.11 11.66
N PHE A 99 -15.13 5.93 11.42
CA PHE A 99 -15.91 4.79 10.95
C PHE A 99 -17.18 4.64 11.81
N GLU A 100 -16.98 4.59 13.13
CA GLU A 100 -18.08 4.38 14.05
C GLU A 100 -19.11 5.52 14.08
N GLU A 101 -18.65 6.77 14.00
CA GLU A 101 -19.56 7.91 13.99
C GLU A 101 -20.38 7.86 12.68
N TYR A 102 -19.75 7.59 11.53
CA TYR A 102 -20.51 7.50 10.25
C TYR A 102 -21.50 6.34 10.34
N TYR A 103 -21.06 5.20 10.90
CA TYR A 103 -21.96 4.07 11.05
C TYR A 103 -23.20 4.45 11.87
N GLN A 104 -23.01 5.07 13.04
CA GLN A 104 -24.16 5.43 13.88
C GLN A 104 -25.08 6.50 13.27
N HIS A 105 -24.48 7.55 12.70
CA HIS A 105 -25.27 8.66 12.16
C HIS A 105 -25.74 8.46 10.73
N ASP A 106 -25.13 7.56 9.97
CA ASP A 106 -25.47 7.44 8.56
C ASP A 106 -25.72 6.09 7.99
N THR A 107 -24.63 5.34 7.90
CA THR A 107 -24.66 4.04 7.29
C THR A 107 -25.62 3.02 7.91
N LYS A 108 -25.80 2.98 9.23
CA LYS A 108 -26.74 2.00 9.72
C LYS A 108 -28.16 2.33 9.22
N HIS A 109 -28.46 3.61 9.03
CA HIS A 109 -29.77 3.98 8.51
C HIS A 109 -29.92 3.65 7.02
N ILE A 110 -28.81 3.79 6.27
CA ILE A 110 -28.77 3.53 4.83
C ILE A 110 -29.04 2.04 4.66
N LEU A 111 -28.31 1.22 5.40
CA LEU A 111 -28.54 -0.20 5.25
C LEU A 111 -29.92 -0.67 5.81
N SER A 112 -30.39 -0.08 6.90
CA SER A 112 -31.67 -0.49 7.44
C SER A 112 -32.80 -0.17 6.41
N ASN A 113 -32.76 1.04 5.86
CA ASN A 113 -33.78 1.48 4.89
C ASN A 113 -33.65 0.80 3.55
N ALA A 114 -32.43 0.37 3.22
CA ALA A 114 -32.18 -0.39 1.99
C ALA A 114 -32.85 -1.74 2.15
N LEU A 115 -32.68 -2.35 3.30
CA LEU A 115 -33.29 -3.67 3.48
C LEU A 115 -34.84 -3.52 3.35
N ARG A 116 -35.38 -2.52 4.01
CA ARG A 116 -36.82 -2.32 3.97
C ARG A 116 -37.36 -2.01 2.56
N HIS A 117 -36.74 -1.04 1.92
CA HIS A 117 -37.17 -0.61 0.60
C HIS A 117 -37.00 -1.63 -0.45
N LEU A 118 -35.87 -2.34 -0.46
CA LEU A 118 -35.70 -3.37 -1.46
C LEU A 118 -36.68 -4.51 -1.18
N HIS A 119 -36.82 -4.90 0.07
CA HIS A 119 -37.78 -5.96 0.39
C HIS A 119 -39.19 -5.60 -0.14
N ASP A 120 -39.63 -4.36 0.06
CA ASP A 120 -40.98 -3.91 -0.35
C ASP A 120 -41.20 -3.55 -1.83
N ASN A 121 -40.11 -3.30 -2.57
CA ASN A 121 -40.11 -2.87 -3.97
C ASN A 121 -39.25 -3.81 -4.77
N PRO A 122 -39.83 -4.93 -5.21
CA PRO A 122 -39.02 -5.92 -5.95
C PRO A 122 -38.20 -5.61 -7.20
N GLU A 123 -38.58 -4.58 -7.96
CA GLU A 123 -37.80 -4.21 -9.14
C GLU A 123 -36.68 -3.22 -8.79
N MET A 124 -36.71 -2.66 -7.60
CA MET A 124 -35.63 -1.74 -7.17
C MET A 124 -34.32 -2.56 -7.00
N LYS A 125 -33.18 -1.92 -7.25
CA LYS A 125 -31.86 -2.55 -7.15
C LYS A 125 -30.91 -1.60 -6.36
N PHE A 126 -29.79 -2.11 -5.88
CA PHE A 126 -28.84 -1.29 -5.09
C PHE A 126 -27.52 -2.06 -5.05
N ILE A 127 -26.39 -1.38 -5.22
CA ILE A 127 -25.11 -2.08 -5.10
C ILE A 127 -24.38 -1.59 -3.82
N TRP A 128 -23.58 -2.46 -3.21
CA TRP A 128 -22.86 -2.19 -1.96
C TRP A 128 -21.38 -2.57 -2.06
N ALA A 129 -20.49 -1.63 -1.74
CA ALA A 129 -19.04 -1.92 -1.86
C ALA A 129 -18.29 -2.20 -0.55
N GLU A 130 -18.52 -1.40 0.48
CA GLU A 130 -17.69 -1.52 1.72
C GLU A 130 -18.13 -2.58 2.71
N ILE A 131 -17.49 -3.74 2.70
CA ILE A 131 -17.96 -4.80 3.60
C ILE A 131 -17.74 -4.52 5.10
N SER A 132 -16.70 -3.73 5.47
CA SER A 132 -16.48 -3.36 6.87
C SER A 132 -17.83 -2.82 7.44
N TYR A 133 -18.44 -1.90 6.72
CA TYR A 133 -19.71 -1.37 7.16
C TYR A 133 -20.84 -2.41 7.18
N PHE A 134 -20.89 -3.24 6.14
CA PHE A 134 -21.96 -4.20 6.05
C PHE A 134 -21.90 -5.27 7.15
N ALA A 135 -20.67 -5.66 7.50
CA ALA A 135 -20.44 -6.68 8.55
C ALA A 135 -20.88 -6.04 9.89
N ARG A 136 -20.44 -4.79 10.12
CA ARG A 136 -20.76 -4.05 11.33
C ARG A 136 -22.27 -4.01 11.51
N PHE A 137 -22.95 -3.78 10.41
CA PHE A 137 -24.40 -3.72 10.38
C PHE A 137 -25.04 -5.07 10.65
N TYR A 138 -24.63 -6.02 9.83
CA TYR A 138 -25.22 -7.33 9.89
C TYR A 138 -25.19 -7.94 11.27
N HIS A 139 -24.11 -7.75 11.99
CA HIS A 139 -24.09 -8.38 13.28
C HIS A 139 -24.95 -7.69 14.34
N ASP A 140 -25.56 -6.55 14.00
CA ASP A 140 -26.46 -5.90 14.94
C ASP A 140 -27.88 -6.25 14.53
N LEU A 141 -28.05 -7.10 13.52
CA LEU A 141 -29.39 -7.44 13.03
C LEU A 141 -30.06 -8.62 13.72
N GLY A 142 -31.39 -8.52 13.88
CA GLY A 142 -32.13 -9.60 14.49
C GLY A 142 -32.21 -10.73 13.48
N GLU A 143 -32.53 -11.91 13.97
CA GLU A 143 -32.63 -13.07 13.13
C GLU A 143 -33.57 -12.91 11.94
N ASN A 144 -34.74 -12.34 12.17
CA ASN A 144 -35.66 -12.22 11.04
C ASN A 144 -35.13 -11.27 9.95
N LYS A 145 -34.47 -10.19 10.36
CA LYS A 145 -33.91 -9.26 9.39
C LYS A 145 -32.77 -9.93 8.62
N LYS A 146 -31.95 -10.75 9.31
CA LYS A 146 -30.87 -11.41 8.58
C LYS A 146 -31.42 -12.31 7.49
N LEU A 147 -32.52 -13.00 7.76
CA LEU A 147 -33.13 -13.85 6.72
C LEU A 147 -33.61 -12.97 5.54
N GLN A 148 -34.24 -11.85 5.85
CA GLN A 148 -34.71 -10.93 4.84
C GLN A 148 -33.54 -10.39 4.01
N MET A 149 -32.46 -10.02 4.69
CA MET A 149 -31.29 -9.51 3.98
C MET A 149 -30.77 -10.61 3.06
N LYS A 150 -30.70 -11.86 3.53
CA LYS A 150 -30.19 -12.89 2.66
C LYS A 150 -31.08 -13.14 1.47
N SER A 151 -32.37 -12.93 1.60
CA SER A 151 -33.14 -13.19 0.40
C SER A 151 -33.06 -12.03 -0.59
N ILE A 152 -32.80 -10.80 -0.17
CA ILE A 152 -32.71 -9.78 -1.21
C ILE A 152 -31.36 -9.89 -1.90
N VAL A 153 -30.35 -10.48 -1.23
CA VAL A 153 -29.07 -10.71 -1.89
C VAL A 153 -29.23 -11.91 -2.84
N LYS A 154 -29.90 -12.96 -2.38
CA LYS A 154 -30.06 -14.12 -3.21
C LYS A 154 -30.86 -13.83 -4.46
N ASN A 155 -31.89 -13.00 -4.34
CA ASN A 155 -32.74 -12.65 -5.48
C ASN A 155 -32.16 -11.57 -6.39
N GLY A 156 -30.96 -11.08 -6.09
CA GLY A 156 -30.33 -10.11 -7.00
C GLY A 156 -30.62 -8.64 -6.86
N GLN A 157 -31.46 -8.27 -5.91
CA GLN A 157 -31.75 -6.88 -5.73
C GLN A 157 -30.59 -6.10 -5.08
N LEU A 158 -30.02 -6.68 -4.03
CA LEU A 158 -28.88 -6.04 -3.34
C LEU A 158 -27.65 -6.80 -3.83
N GLU A 159 -26.76 -6.13 -4.57
CA GLU A 159 -25.58 -6.81 -5.12
C GLU A 159 -24.31 -6.16 -4.57
N PHE A 160 -23.39 -6.98 -4.11
CA PHE A 160 -22.10 -6.53 -3.59
C PHE A 160 -21.15 -6.35 -4.75
N VAL A 161 -20.48 -5.21 -4.77
CA VAL A 161 -19.50 -5.00 -5.83
C VAL A 161 -18.12 -5.01 -5.18
N THR A 162 -17.16 -5.71 -5.81
CA THR A 162 -15.80 -5.86 -5.29
C THR A 162 -15.85 -6.78 -4.02
N GLY A 163 -16.52 -6.31 -2.97
CA GLY A 163 -16.63 -7.09 -1.77
C GLY A 163 -15.43 -6.98 -0.81
N GLY A 164 -14.59 -5.96 -1.00
CA GLY A 164 -13.43 -5.77 -0.09
C GLY A 164 -13.91 -5.12 1.19
N TRP A 165 -13.14 -5.28 2.26
CA TRP A 165 -13.45 -4.64 3.52
C TRP A 165 -13.67 -3.15 3.28
N VAL A 166 -12.90 -2.58 2.35
CA VAL A 166 -12.99 -1.17 1.98
C VAL A 166 -12.82 -1.10 0.45
N MET A 167 -12.71 0.12 -0.09
CA MET A 167 -12.44 0.39 -1.53
C MET A 167 -11.05 1.00 -1.25
N PRO A 168 -10.00 0.18 -1.38
CA PRO A 168 -8.67 0.71 -1.06
C PRO A 168 -8.09 1.82 -1.90
N ASP A 169 -7.16 2.57 -1.28
CA ASP A 169 -6.34 3.56 -1.99
C ASP A 169 -5.59 2.67 -2.99
N GLU A 170 -5.24 3.18 -4.16
CA GLU A 170 -4.47 2.37 -5.12
C GLU A 170 -3.03 2.86 -5.32
N ALA A 171 -2.68 3.98 -4.68
CA ALA A 171 -1.34 4.53 -4.84
C ALA A 171 -0.31 4.11 -3.80
N ASN A 172 -0.68 4.27 -2.53
CA ASN A 172 0.23 3.97 -1.43
C ASN A 172 0.15 2.55 -0.88
N SER A 173 -0.93 1.87 -1.20
CA SER A 173 -1.13 0.53 -0.63
C SER A 173 -0.19 -0.56 -1.15
N HIS A 174 0.17 -1.47 -0.27
CA HIS A 174 0.98 -2.60 -0.77
C HIS A 174 0.02 -3.64 -1.31
N TRP A 175 0.41 -4.34 -2.39
CA TRP A 175 -0.48 -5.33 -3.00
C TRP A 175 -0.82 -6.37 -1.98
N ARG A 176 0.08 -6.59 -1.04
CA ARG A 176 -0.23 -7.63 -0.02
C ARG A 176 -1.43 -7.20 0.84
N ASN A 177 -1.50 -5.93 1.16
CA ASN A 177 -2.65 -5.48 1.97
C ASN A 177 -3.94 -5.29 1.15
N VAL A 178 -3.79 -5.00 -0.14
CA VAL A 178 -4.97 -4.92 -1.04
C VAL A 178 -5.58 -6.33 -1.02
N LEU A 179 -4.74 -7.35 -1.15
CA LEU A 179 -5.21 -8.72 -1.15
C LEU A 179 -5.78 -9.04 0.25
N LEU A 180 -5.09 -8.63 1.29
CA LEU A 180 -5.60 -8.87 2.65
C LEU A 180 -7.06 -8.31 2.86
N GLN A 181 -7.31 -7.07 2.48
CA GLN A 181 -8.65 -6.47 2.77
C GLN A 181 -9.69 -7.04 1.82
N LEU A 182 -9.28 -7.35 0.59
CA LEU A 182 -10.22 -7.97 -0.37
C LEU A 182 -10.63 -9.31 0.24
N THR A 183 -9.64 -10.09 0.68
CA THR A 183 -9.91 -11.38 1.28
C THR A 183 -10.78 -11.26 2.57
N GLU A 184 -10.51 -10.27 3.41
CA GLU A 184 -11.31 -10.16 4.67
C GLU A 184 -12.80 -9.97 4.31
N GLY A 185 -13.07 -9.13 3.32
CA GLY A 185 -14.46 -8.87 2.93
C GLY A 185 -15.13 -10.00 2.17
N GLN A 186 -14.44 -10.61 1.24
CA GLN A 186 -15.02 -11.70 0.49
C GLN A 186 -15.20 -12.96 1.38
N THR A 187 -14.37 -13.13 2.38
CA THR A 187 -14.53 -14.31 3.20
C THR A 187 -15.78 -14.11 4.06
N TRP A 188 -15.94 -12.90 4.53
CA TRP A 188 -17.13 -12.58 5.26
C TRP A 188 -18.40 -12.82 4.33
N LEU A 189 -18.39 -12.31 3.10
CA LEU A 189 -19.54 -12.45 2.18
C LEU A 189 -19.83 -13.93 1.86
N LYS A 190 -18.79 -14.74 1.66
CA LYS A 190 -19.10 -16.11 1.37
C LYS A 190 -19.76 -16.81 2.56
N GLN A 191 -19.21 -16.57 3.73
CA GLN A 191 -19.66 -17.18 4.95
C GLN A 191 -21.09 -16.78 5.31
N PHE A 192 -21.36 -15.47 5.29
CA PHE A 192 -22.63 -14.97 5.68
C PHE A 192 -23.68 -14.66 4.64
N MET A 193 -23.26 -14.33 3.41
CA MET A 193 -24.21 -13.99 2.34
C MET A 193 -24.13 -15.03 1.22
N ASN A 194 -23.20 -15.96 1.34
CA ASN A 194 -23.02 -16.98 0.32
C ASN A 194 -22.88 -16.42 -1.13
N VAL A 195 -22.06 -15.38 -1.29
CA VAL A 195 -21.80 -14.83 -2.63
C VAL A 195 -20.35 -14.34 -2.73
N THR A 196 -19.81 -14.38 -3.94
CA THR A 196 -18.50 -13.89 -4.24
C THR A 196 -18.63 -12.99 -5.47
N PRO A 197 -18.42 -11.66 -5.27
CA PRO A 197 -18.51 -10.70 -6.36
C PRO A 197 -17.44 -11.02 -7.42
N THR A 198 -17.79 -10.80 -8.68
CA THR A 198 -16.88 -11.02 -9.77
C THR A 198 -16.82 -9.69 -10.54
N ALA A 199 -17.52 -8.66 -10.06
CA ALA A 199 -17.49 -7.31 -10.68
C ALA A 199 -16.94 -6.35 -9.61
N SER A 200 -15.97 -5.51 -9.97
CA SER A 200 -15.34 -4.56 -9.01
C SER A 200 -15.78 -3.13 -9.32
N TRP A 201 -16.00 -2.32 -8.26
CA TRP A 201 -16.46 -0.93 -8.38
C TRP A 201 -15.48 -0.06 -7.55
N ALA A 202 -14.73 0.84 -8.21
CA ALA A 202 -13.75 1.71 -7.53
C ALA A 202 -14.00 3.13 -8.07
N ILE A 203 -14.91 3.84 -7.40
CA ILE A 203 -15.26 5.15 -7.91
C ILE A 203 -14.58 6.34 -7.25
N ASP A 204 -13.88 6.12 -6.11
CA ASP A 204 -13.26 7.25 -5.43
C ASP A 204 -11.72 7.26 -5.25
N PRO A 205 -10.99 6.12 -5.44
CA PRO A 205 -9.51 6.19 -5.26
C PRO A 205 -8.98 7.31 -6.18
N PHE A 206 -7.92 8.01 -5.75
CA PHE A 206 -7.41 9.18 -6.50
C PHE A 206 -6.37 8.73 -7.52
N GLY A 207 -6.89 8.18 -8.61
CA GLY A 207 -6.09 7.61 -9.66
C GLY A 207 -6.13 6.08 -9.47
N HIS A 208 -5.74 5.35 -10.53
CA HIS A 208 -5.86 3.88 -10.47
C HIS A 208 -4.64 3.09 -10.89
N SER A 209 -4.50 1.90 -10.30
CA SER A 209 -3.34 1.03 -10.49
C SER A 209 -3.66 -0.31 -11.17
N PRO A 210 -2.75 -0.80 -12.05
CA PRO A 210 -2.98 -2.09 -12.74
C PRO A 210 -2.82 -3.24 -11.72
N THR A 211 -2.32 -2.92 -10.53
CA THR A 211 -2.23 -3.94 -9.50
C THR A 211 -3.64 -4.49 -9.19
N MET A 212 -4.68 -3.63 -9.34
CA MET A 212 -6.04 -4.08 -9.09
C MET A 212 -6.50 -5.21 -10.05
N PRO A 213 -6.48 -4.97 -11.38
CA PRO A 213 -6.90 -6.05 -12.29
C PRO A 213 -6.06 -7.32 -12.07
N TYR A 214 -4.78 -7.13 -11.79
CA TYR A 214 -3.86 -8.25 -11.51
C TYR A 214 -4.43 -9.08 -10.36
N ILE A 215 -4.76 -8.46 -9.21
CA ILE A 215 -5.25 -9.24 -8.05
C ILE A 215 -6.67 -9.78 -8.31
N LEU A 216 -7.50 -8.92 -8.85
CA LEU A 216 -8.89 -9.29 -9.15
C LEU A 216 -9.01 -10.45 -10.11
N GLN A 217 -8.26 -10.38 -11.21
CA GLN A 217 -8.34 -11.42 -12.21
C GLN A 217 -7.88 -12.75 -11.60
N LYS A 218 -6.94 -12.72 -10.64
CA LYS A 218 -6.49 -13.98 -9.99
C LYS A 218 -7.37 -14.39 -8.80
N SER A 219 -8.46 -13.64 -8.62
CA SER A 219 -9.41 -13.83 -7.55
C SER A 219 -10.82 -14.06 -8.14
N GLY A 220 -10.86 -14.54 -9.38
CA GLY A 220 -12.18 -14.86 -9.99
C GLY A 220 -12.98 -13.74 -10.63
N PHE A 221 -12.46 -12.52 -10.64
CA PHE A 221 -13.19 -11.41 -11.22
C PHE A 221 -13.21 -11.47 -12.72
N LYS A 222 -14.29 -10.96 -13.28
CA LYS A 222 -14.43 -10.88 -14.75
C LYS A 222 -14.55 -9.46 -15.28
N ASN A 223 -14.89 -8.50 -14.42
CA ASN A 223 -15.04 -7.09 -14.81
C ASN A 223 -14.73 -6.13 -13.66
N MET A 224 -14.38 -4.90 -14.00
CA MET A 224 -14.10 -3.88 -13.01
C MET A 224 -14.41 -2.48 -13.60
N LEU A 225 -14.68 -1.52 -12.70
CA LEU A 225 -15.04 -0.17 -13.09
C LEU A 225 -14.15 0.82 -12.30
N ILE A 226 -13.72 1.88 -12.97
CA ILE A 226 -12.90 2.94 -12.38
C ILE A 226 -13.45 4.32 -12.75
N GLN A 227 -13.05 5.33 -11.97
CA GLN A 227 -13.59 6.65 -12.20
C GLN A 227 -12.57 7.78 -12.20
N ARG A 228 -11.72 7.80 -11.19
CA ARG A 228 -10.84 8.95 -11.12
C ARG A 228 -9.58 8.86 -11.92
N THR A 229 -9.68 9.24 -13.18
CA THR A 229 -8.54 9.30 -14.07
C THR A 229 -8.46 10.75 -14.63
N HIS A 230 -7.27 11.12 -15.06
CA HIS A 230 -6.97 12.47 -15.58
C HIS A 230 -8.02 12.92 -16.59
N TYR A 231 -8.60 14.11 -16.40
CA TYR A 231 -9.61 14.60 -17.34
C TYR A 231 -9.16 14.57 -18.82
N SER A 232 -7.87 14.72 -19.05
CA SER A 232 -7.35 14.67 -20.41
C SER A 232 -7.38 13.28 -20.98
N VAL A 233 -7.18 12.30 -20.10
CA VAL A 233 -7.21 10.90 -20.53
C VAL A 233 -8.64 10.54 -20.88
N LYS A 234 -9.58 10.91 -20.00
CA LYS A 234 -10.99 10.69 -20.23
C LYS A 234 -11.37 11.25 -21.60
N LYS A 235 -10.85 12.42 -21.94
CA LYS A 235 -11.26 13.04 -23.20
C LYS A 235 -10.68 12.26 -24.37
N GLU A 236 -9.42 11.92 -24.24
CA GLU A 236 -8.73 11.19 -25.24
C GLU A 236 -9.32 9.80 -25.49
N LEU A 237 -9.65 9.06 -24.43
CA LEU A 237 -10.17 7.75 -24.64
C LEU A 237 -11.63 7.81 -25.14
N ALA A 238 -12.38 8.79 -24.66
CA ALA A 238 -13.75 8.91 -25.08
C ALA A 238 -13.79 9.15 -26.61
N GLN A 239 -12.85 9.97 -27.12
CA GLN A 239 -12.89 10.26 -28.54
C GLN A 239 -12.66 9.03 -29.38
N GLN A 240 -11.90 8.09 -28.85
CA GLN A 240 -11.66 6.88 -29.61
C GLN A 240 -12.57 5.71 -29.17
N ARG A 241 -13.58 5.98 -28.31
CA ARG A 241 -14.44 4.95 -27.73
C ARG A 241 -13.58 3.82 -27.15
N GLN A 242 -12.58 4.25 -26.37
CA GLN A 242 -11.67 3.31 -25.69
C GLN A 242 -11.83 3.38 -24.18
N LEU A 243 -13.03 3.72 -23.68
CA LEU A 243 -13.29 3.81 -22.21
C LEU A 243 -13.50 2.42 -21.58
N GLU A 244 -13.78 1.43 -22.45
CA GLU A 244 -13.93 0.05 -22.06
C GLU A 244 -12.79 -0.65 -22.80
N PHE A 245 -11.99 -1.38 -22.01
CA PHE A 245 -10.82 -2.04 -22.55
C PHE A 245 -10.42 -3.25 -21.77
N LEU A 246 -9.61 -4.09 -22.38
CA LEU A 246 -9.10 -5.33 -21.75
C LEU A 246 -7.77 -4.89 -21.11
N TRP A 247 -7.77 -4.68 -19.80
CA TRP A 247 -6.57 -4.13 -19.12
C TRP A 247 -5.61 -5.25 -18.71
N ARG A 248 -4.44 -5.30 -19.35
CA ARG A 248 -3.44 -6.35 -19.02
C ARG A 248 -2.24 -5.66 -18.37
N GLN A 249 -1.37 -6.45 -17.76
CA GLN A 249 -0.15 -5.95 -17.09
C GLN A 249 0.84 -5.51 -18.18
N ILE A 250 1.65 -4.53 -17.86
CA ILE A 250 2.57 -3.94 -18.82
C ILE A 250 3.57 -4.93 -19.42
N TRP A 251 3.80 -6.05 -18.72
CA TRP A 251 4.77 -7.05 -19.18
C TRP A 251 4.11 -8.26 -19.79
N ASP A 252 2.78 -8.25 -19.84
CA ASP A 252 2.04 -9.42 -20.34
C ASP A 252 1.84 -9.49 -21.89
N ASN A 253 2.71 -10.26 -22.52
CA ASN A 253 2.68 -10.38 -23.97
C ASN A 253 1.49 -11.20 -24.47
N LYS A 254 1.09 -12.20 -23.72
CA LYS A 254 0.00 -13.07 -24.15
C LYS A 254 -1.38 -12.48 -23.92
N GLY A 255 -1.56 -11.83 -22.78
CA GLY A 255 -2.88 -11.25 -22.46
C GLY A 255 -3.66 -12.09 -21.44
N ASP A 256 -2.98 -13.02 -20.79
CA ASP A 256 -3.65 -13.90 -19.82
C ASP A 256 -4.07 -13.15 -18.57
N THR A 257 -3.47 -11.99 -18.30
CA THR A 257 -3.82 -11.21 -17.08
C THR A 257 -4.97 -10.21 -17.34
N ALA A 258 -5.38 -10.08 -18.61
CA ALA A 258 -6.40 -9.11 -19.01
C ALA A 258 -7.73 -9.13 -18.19
N LEU A 259 -8.21 -7.96 -17.80
CA LEU A 259 -9.49 -7.91 -17.09
C LEU A 259 -10.30 -6.78 -17.74
N PHE A 260 -11.51 -7.12 -18.19
CA PHE A 260 -12.38 -6.10 -18.83
C PHE A 260 -12.60 -4.98 -17.85
N THR A 261 -12.39 -3.74 -18.29
CA THR A 261 -12.47 -2.57 -17.46
C THR A 261 -13.32 -1.49 -18.09
N HIS A 262 -14.18 -0.89 -17.28
CA HIS A 262 -15.01 0.22 -17.74
C HIS A 262 -14.56 1.50 -16.98
N MET A 263 -14.13 2.52 -17.70
CA MET A 263 -13.73 3.77 -17.07
C MET A 263 -14.92 4.72 -17.33
N MET A 264 -15.44 5.31 -16.25
CA MET A 264 -16.53 6.25 -16.38
C MET A 264 -15.93 7.48 -17.09
N PRO A 265 -16.74 8.17 -17.93
CA PRO A 265 -16.26 9.35 -18.68
C PRO A 265 -16.20 10.76 -18.13
N PHE A 266 -16.96 11.03 -17.08
CA PHE A 266 -17.07 12.39 -16.57
C PHE A 266 -16.30 12.74 -15.29
N TYR A 267 -16.45 13.98 -14.88
CA TYR A 267 -15.67 14.57 -13.78
C TYR A 267 -15.91 13.97 -12.39
N SER A 268 -17.11 13.42 -12.19
CA SER A 268 -17.46 12.85 -10.89
C SER A 268 -18.43 11.64 -11.01
N TYR A 269 -18.65 10.95 -9.87
CA TYR A 269 -19.56 9.83 -9.84
C TYR A 269 -20.94 10.26 -9.33
N ASP A 270 -21.09 11.55 -8.98
CA ASP A 270 -22.38 12.04 -8.52
C ASP A 270 -23.42 12.06 -9.66
N ILE A 271 -24.69 12.24 -9.30
CA ILE A 271 -25.73 12.21 -10.30
C ILE A 271 -25.55 13.26 -11.41
N PRO A 272 -25.23 14.51 -11.05
CA PRO A 272 -25.04 15.52 -12.10
C PRO A 272 -23.97 15.10 -13.16
N HIS A 273 -23.00 14.26 -12.78
CA HIS A 273 -22.00 13.87 -13.74
C HIS A 273 -22.08 12.39 -14.16
N THR A 274 -23.24 11.79 -14.03
CA THR A 274 -23.38 10.37 -14.44
C THR A 274 -24.55 10.10 -15.41
N CYS A 275 -25.53 10.99 -15.56
CA CYS A 275 -26.65 10.74 -16.52
C CYS A 275 -26.27 11.08 -17.97
N GLY A 276 -25.28 11.95 -18.12
CA GLY A 276 -24.82 12.40 -19.43
C GLY A 276 -23.84 13.55 -19.37
N PRO A 277 -23.54 14.21 -20.51
CA PRO A 277 -22.56 15.32 -20.52
C PRO A 277 -22.81 16.64 -19.86
N ASP A 278 -24.09 16.96 -19.67
CA ASP A 278 -24.49 18.28 -19.16
C ASP A 278 -24.94 18.21 -17.74
N PRO A 279 -24.12 18.73 -16.83
CA PRO A 279 -24.53 18.65 -15.43
C PRO A 279 -25.75 19.49 -15.06
N LYS A 280 -26.01 20.57 -15.81
CA LYS A 280 -27.17 21.40 -15.47
C LYS A 280 -28.43 20.58 -15.72
N VAL A 281 -28.36 19.70 -16.70
CA VAL A 281 -29.53 18.87 -17.00
C VAL A 281 -29.58 17.66 -16.06
N CYS A 282 -28.46 16.95 -15.91
CA CYS A 282 -28.47 15.77 -15.03
C CYS A 282 -28.87 16.05 -13.55
N CYS A 283 -28.49 17.23 -13.05
CA CYS A 283 -28.82 17.63 -11.69
C CYS A 283 -30.30 17.61 -11.47
N GLN A 284 -31.08 17.94 -12.52
CA GLN A 284 -32.54 17.95 -12.43
C GLN A 284 -33.11 16.56 -12.30
N PHE A 285 -32.23 15.56 -12.37
CA PHE A 285 -32.64 14.16 -12.22
C PHE A 285 -32.06 13.49 -10.96
N ASP A 286 -31.58 14.32 -10.04
CA ASP A 286 -31.16 13.89 -8.71
C ASP A 286 -32.33 14.41 -7.83
N PHE A 287 -33.29 13.54 -7.54
CA PHE A 287 -34.46 13.95 -6.79
C PHE A 287 -34.32 14.28 -5.30
N LYS A 288 -33.11 14.13 -4.78
CA LYS A 288 -32.83 14.52 -3.41
C LYS A 288 -32.50 16.04 -3.39
N ARG A 289 -32.52 16.74 -4.52
CA ARG A 289 -32.12 18.14 -4.50
C ARG A 289 -33.26 19.14 -4.68
N MET A 290 -34.45 18.85 -4.19
CA MET A 290 -35.53 19.81 -4.40
C MET A 290 -35.71 20.79 -3.23
N GLY A 291 -35.00 20.56 -2.12
CA GLY A 291 -35.09 21.46 -0.98
C GLY A 291 -35.18 20.90 0.44
N SER A 292 -36.10 19.97 0.70
CA SER A 292 -36.25 19.38 2.03
C SER A 292 -35.03 18.60 2.56
N PHE A 293 -34.07 18.29 1.69
CA PHE A 293 -32.84 17.60 2.12
C PHE A 293 -31.67 18.56 2.20
N GLY A 294 -31.93 19.85 2.04
CA GLY A 294 -30.86 20.85 2.11
C GLY A 294 -30.17 21.02 0.78
N LEU A 295 -29.93 19.89 0.11
CA LEU A 295 -29.23 19.86 -1.16
C LEU A 295 -29.88 20.69 -2.29
N SER A 296 -29.06 21.12 -3.24
CA SER A 296 -29.55 21.91 -4.34
C SER A 296 -28.67 21.73 -5.56
N CYS A 297 -29.10 22.31 -6.69
CA CYS A 297 -28.34 22.21 -7.93
C CYS A 297 -27.47 23.46 -8.16
N PRO A 298 -26.15 23.32 -8.16
CA PRO A 298 -25.46 24.58 -8.39
C PRO A 298 -25.62 25.17 -9.79
N TRP A 299 -26.24 24.44 -10.74
CA TRP A 299 -26.41 24.94 -12.11
C TRP A 299 -27.70 25.76 -12.22
N LYS A 300 -28.30 26.02 -11.05
CA LYS A 300 -29.48 26.85 -10.90
C LYS A 300 -30.87 26.32 -11.27
N VAL A 301 -30.97 25.12 -11.86
CA VAL A 301 -32.28 24.59 -12.20
C VAL A 301 -32.50 23.38 -11.31
N PRO A 302 -33.57 23.39 -10.51
CA PRO A 302 -33.79 22.27 -9.64
C PRO A 302 -34.57 21.13 -10.27
N PRO A 303 -34.51 19.95 -9.62
CA PRO A 303 -35.26 18.83 -10.16
C PRO A 303 -36.71 19.21 -9.83
N ARG A 304 -37.65 18.62 -10.55
CA ARG A 304 -39.10 18.85 -10.36
C ARG A 304 -39.72 17.48 -10.37
N THR A 305 -40.67 17.24 -9.48
CA THR A 305 -41.39 15.99 -9.42
C THR A 305 -41.93 15.67 -10.80
N ILE A 306 -41.82 14.42 -11.19
CA ILE A 306 -42.30 14.00 -12.48
C ILE A 306 -43.82 13.77 -12.36
N SER A 307 -44.56 14.15 -13.39
CA SER A 307 -46.03 13.97 -13.38
C SER A 307 -46.45 13.74 -14.81
N ASP A 308 -47.73 13.50 -15.02
CA ASP A 308 -48.20 13.29 -16.40
C ASP A 308 -48.03 14.52 -17.24
N GLN A 309 -48.06 15.71 -16.65
CA GLN A 309 -47.88 16.99 -17.37
C GLN A 309 -46.48 17.24 -17.88
N ASN A 310 -45.47 16.79 -17.13
CA ASN A 310 -44.11 17.08 -17.53
C ASN A 310 -43.30 15.89 -17.92
N VAL A 311 -43.82 14.68 -17.73
CA VAL A 311 -42.99 13.50 -18.00
C VAL A 311 -42.42 13.46 -19.42
N ALA A 312 -43.19 13.92 -20.41
CA ALA A 312 -42.68 13.88 -21.78
C ALA A 312 -41.54 14.86 -21.91
N ALA A 313 -41.71 16.08 -21.42
CA ALA A 313 -40.65 17.06 -21.51
C ALA A 313 -39.41 16.56 -20.68
N ARG A 314 -39.64 15.99 -19.52
CA ARG A 314 -38.48 15.52 -18.72
C ARG A 314 -37.75 14.37 -19.43
N SER A 315 -38.51 13.38 -19.94
CA SER A 315 -37.92 12.26 -20.66
C SER A 315 -37.12 12.74 -21.85
N ASP A 316 -37.63 13.74 -22.57
CA ASP A 316 -36.94 14.30 -23.75
C ASP A 316 -35.52 14.73 -23.35
N LEU A 317 -35.43 15.44 -22.23
CA LEU A 317 -34.13 15.93 -21.73
C LEU A 317 -33.19 14.80 -21.31
N LEU A 318 -33.76 13.86 -20.56
CA LEU A 318 -33.03 12.74 -20.00
C LEU A 318 -32.56 11.74 -21.06
N VAL A 319 -33.43 11.38 -21.99
CA VAL A 319 -33.01 10.43 -23.02
C VAL A 319 -31.93 11.05 -23.86
N ASP A 320 -32.05 12.35 -24.11
CA ASP A 320 -31.04 13.10 -24.91
C ASP A 320 -29.67 12.96 -24.23
N GLN A 321 -29.62 13.20 -22.91
CA GLN A 321 -28.37 13.00 -22.14
C GLN A 321 -27.83 11.54 -22.29
N TRP A 322 -28.72 10.57 -22.13
CA TRP A 322 -28.30 9.15 -22.24
C TRP A 322 -27.70 8.80 -23.59
N LYS A 323 -28.38 9.23 -24.65
CA LYS A 323 -27.90 8.96 -26.01
C LYS A 323 -26.61 9.67 -26.25
N LYS A 324 -26.39 10.84 -25.64
CA LYS A 324 -25.09 11.46 -25.83
C LYS A 324 -24.04 10.62 -25.09
N LYS A 325 -24.31 10.28 -23.83
CA LYS A 325 -23.33 9.46 -23.09
C LYS A 325 -23.08 8.15 -23.91
N ALA A 326 -24.14 7.53 -24.40
CA ALA A 326 -23.99 6.28 -25.22
C ALA A 326 -23.00 6.39 -26.43
N GLU A 327 -22.82 7.59 -26.96
CA GLU A 327 -21.94 7.79 -28.08
C GLU A 327 -20.50 7.50 -27.72
N LEU A 328 -20.16 7.61 -26.44
CA LEU A 328 -18.78 7.41 -25.98
C LEU A 328 -18.39 5.95 -25.81
N TYR A 329 -19.34 5.05 -26.00
CA TYR A 329 -19.11 3.60 -25.81
C TYR A 329 -19.51 2.80 -27.04
N ARG A 330 -19.04 1.57 -27.07
CA ARG A 330 -19.22 0.70 -28.20
C ARG A 330 -20.48 -0.17 -28.34
N THR A 331 -21.21 -0.44 -27.28
CA THR A 331 -22.38 -1.32 -27.42
C THR A 331 -23.61 -0.49 -27.22
N ASN A 332 -24.77 -1.16 -27.34
CA ASN A 332 -26.04 -0.48 -27.13
C ASN A 332 -26.52 -0.74 -25.68
N VAL A 333 -25.58 -0.91 -24.76
CA VAL A 333 -25.91 -1.14 -23.35
C VAL A 333 -25.26 0.04 -22.58
N LEU A 334 -26.07 0.80 -21.86
CA LEU A 334 -25.56 1.96 -21.16
C LEU A 334 -25.60 1.90 -19.63
N LEU A 335 -24.47 2.25 -19.01
CA LEU A 335 -24.40 2.22 -17.54
C LEU A 335 -24.70 3.62 -17.01
N ILE A 336 -25.69 3.74 -16.13
CA ILE A 336 -26.03 5.01 -15.54
C ILE A 336 -26.04 4.90 -14.01
N PRO A 337 -24.90 5.10 -13.35
CA PRO A 337 -24.92 5.04 -11.87
C PRO A 337 -25.91 6.10 -11.35
N LEU A 338 -26.59 5.81 -10.22
CA LEU A 338 -27.51 6.78 -9.60
C LEU A 338 -27.17 6.88 -8.12
N GLY A 339 -26.26 7.78 -7.76
CA GLY A 339 -25.90 7.87 -6.35
C GLY A 339 -24.83 8.89 -6.04
N ASP A 340 -24.42 8.94 -4.76
CA ASP A 340 -23.46 9.96 -4.28
C ASP A 340 -23.05 9.58 -2.85
N ASP A 341 -22.34 10.45 -2.15
CA ASP A 341 -21.86 10.09 -0.81
C ASP A 341 -22.96 9.88 0.21
N PHE A 342 -22.93 8.73 0.90
CA PHE A 342 -23.88 8.41 1.94
C PHE A 342 -25.32 8.63 1.52
N ARG A 343 -25.62 8.29 0.28
CA ARG A 343 -27.00 8.44 -0.21
C ARG A 343 -27.86 7.25 0.21
N PHE A 344 -29.15 7.39 -0.08
CA PHE A 344 -30.17 6.41 0.27
C PHE A 344 -30.29 6.18 1.73
N LYS A 345 -30.23 7.29 2.45
CA LYS A 345 -30.35 7.30 3.90
C LYS A 345 -31.82 7.41 4.37
N GLN A 346 -32.48 8.49 4.01
CA GLN A 346 -33.87 8.70 4.43
C GLN A 346 -34.88 7.87 3.61
N ASN A 347 -35.87 7.31 4.29
CA ASN A 347 -36.95 6.59 3.63
C ASN A 347 -37.58 7.47 2.55
N THR A 348 -37.76 8.75 2.84
CA THR A 348 -38.34 9.65 1.88
C THR A 348 -37.42 9.80 0.65
N GLU A 349 -36.10 9.65 0.87
CA GLU A 349 -35.14 9.76 -0.24
C GLU A 349 -35.29 8.54 -1.14
N TRP A 350 -35.44 7.35 -0.54
CA TRP A 350 -35.68 6.16 -1.35
C TRP A 350 -36.92 6.40 -2.20
N ASP A 351 -37.99 6.88 -1.59
CA ASP A 351 -39.19 7.12 -2.33
C ASP A 351 -39.05 8.16 -3.46
N VAL A 352 -38.48 9.30 -3.15
CA VAL A 352 -38.39 10.35 -4.14
C VAL A 352 -37.51 9.97 -5.38
N GLN A 353 -36.46 9.17 -5.17
CA GLN A 353 -35.65 8.68 -6.29
C GLN A 353 -36.38 7.56 -7.01
N ARG A 354 -36.93 6.61 -6.28
CA ARG A 354 -37.58 5.46 -6.90
C ARG A 354 -38.84 5.78 -7.72
N VAL A 355 -39.74 6.51 -7.09
CA VAL A 355 -41.02 6.82 -7.74
C VAL A 355 -40.84 7.70 -8.99
N ASN A 356 -39.98 8.71 -8.89
CA ASN A 356 -39.77 9.59 -10.04
C ASN A 356 -39.11 8.83 -11.19
N TYR A 357 -38.10 7.99 -10.89
CA TYR A 357 -37.51 7.20 -11.97
C TYR A 357 -38.49 6.16 -12.53
N GLU A 358 -39.32 5.56 -11.71
CA GLU A 358 -40.31 4.64 -12.24
C GLU A 358 -41.24 5.38 -13.23
N ARG A 359 -41.62 6.61 -12.93
CA ARG A 359 -42.49 7.34 -13.85
C ARG A 359 -41.83 7.53 -15.19
N LEU A 360 -40.55 7.90 -15.13
CA LEU A 360 -39.72 8.14 -16.30
C LEU A 360 -39.59 6.88 -17.10
N PHE A 361 -39.36 5.76 -16.42
CA PHE A 361 -39.23 4.48 -17.12
C PHE A 361 -40.52 4.09 -17.82
N GLU A 362 -41.63 4.21 -17.11
CA GLU A 362 -42.90 3.84 -17.73
C GLU A 362 -43.13 4.64 -19.00
N HIS A 363 -42.94 5.97 -18.93
CA HIS A 363 -43.16 6.78 -20.13
C HIS A 363 -42.17 6.46 -21.28
N ILE A 364 -40.89 6.48 -20.93
CA ILE A 364 -39.85 6.21 -21.90
C ILE A 364 -39.94 4.87 -22.57
N ASN A 365 -40.16 3.83 -21.80
CA ASN A 365 -40.22 2.52 -22.42
C ASN A 365 -41.45 2.29 -23.32
N SER A 366 -42.52 3.05 -23.06
CA SER A 366 -43.76 2.91 -23.83
C SER A 366 -43.80 3.83 -25.06
N GLN A 367 -42.82 4.73 -25.19
CA GLN A 367 -42.75 5.64 -26.33
C GLN A 367 -41.74 5.08 -27.32
N ALA A 368 -42.27 4.36 -28.31
CA ALA A 368 -41.44 3.71 -29.34
C ALA A 368 -40.43 4.62 -29.95
N HIS A 369 -40.82 5.88 -30.14
CA HIS A 369 -39.89 6.77 -30.78
C HIS A 369 -38.55 6.97 -30.07
N PHE A 370 -38.46 6.68 -28.77
CA PHE A 370 -37.14 6.85 -28.12
C PHE A 370 -36.26 5.64 -28.41
N ASN A 371 -36.89 4.47 -28.68
CA ASN A 371 -36.17 3.20 -28.91
C ASN A 371 -35.22 2.93 -27.75
N VAL A 372 -35.76 3.04 -26.54
CA VAL A 372 -34.94 2.87 -25.30
C VAL A 372 -35.70 1.93 -24.36
N GLN A 373 -34.99 1.03 -23.67
CA GLN A 373 -35.60 0.18 -22.66
C GLN A 373 -34.66 0.46 -21.43
N ALA A 374 -35.20 1.22 -20.47
CA ALA A 374 -34.52 1.65 -19.25
C ALA A 374 -35.10 0.96 -18.00
N GLN A 375 -34.23 0.61 -17.03
CA GLN A 375 -34.69 -0.06 -15.80
C GLN A 375 -33.58 0.03 -14.75
N PHE A 376 -33.94 -0.21 -13.50
CA PHE A 376 -32.97 -0.20 -12.42
C PHE A 376 -32.16 -1.47 -12.67
N GLY A 377 -30.86 -1.42 -12.41
CA GLY A 377 -30.09 -2.66 -12.61
C GLY A 377 -28.91 -2.68 -11.64
N THR A 378 -28.17 -3.77 -11.65
CA THR A 378 -26.97 -3.87 -10.80
C THR A 378 -25.78 -3.80 -11.74
N LEU A 379 -24.59 -3.72 -11.14
CA LEU A 379 -23.37 -3.62 -11.93
C LEU A 379 -23.14 -4.87 -12.77
N GLN A 380 -23.37 -6.03 -12.18
CA GLN A 380 -23.11 -7.26 -12.95
C GLN A 380 -24.10 -7.41 -14.10
N GLU A 381 -25.32 -6.90 -13.91
CA GLU A 381 -26.34 -6.97 -14.98
C GLU A 381 -25.83 -6.16 -16.14
N TYR A 382 -25.23 -5.01 -15.85
CA TYR A 382 -24.68 -4.17 -16.89
C TYR A 382 -23.58 -4.89 -17.67
N PHE A 383 -22.58 -5.41 -16.97
CA PHE A 383 -21.50 -6.11 -17.66
C PHE A 383 -21.98 -7.37 -18.43
N ASP A 384 -22.89 -8.13 -17.84
CA ASP A 384 -23.37 -9.31 -18.57
C ASP A 384 -23.99 -8.88 -19.91
N ALA A 385 -24.74 -7.78 -19.92
CA ALA A 385 -25.41 -7.28 -21.12
C ALA A 385 -24.40 -6.78 -22.13
N VAL A 386 -23.34 -6.19 -21.63
CA VAL A 386 -22.32 -5.72 -22.55
C VAL A 386 -21.63 -6.91 -23.25
N HIS A 387 -21.28 -7.92 -22.47
CA HIS A 387 -20.62 -9.09 -23.03
C HIS A 387 -21.53 -9.93 -23.95
N GLN A 388 -22.82 -9.87 -23.70
CA GLN A 388 -23.77 -10.56 -24.61
C GLN A 388 -23.67 -9.85 -25.96
N ALA A 389 -23.69 -8.52 -25.93
CA ALA A 389 -23.60 -7.70 -27.15
C ALA A 389 -22.30 -7.96 -27.89
N GLU A 390 -21.22 -8.06 -27.14
CA GLU A 390 -19.92 -8.34 -27.69
C GLU A 390 -19.94 -9.70 -28.41
N ARG A 391 -20.46 -10.73 -27.71
CA ARG A 391 -20.53 -12.07 -28.29
C ARG A 391 -21.45 -12.05 -29.50
N ALA A 392 -22.43 -11.16 -29.55
CA ALA A 392 -23.31 -11.08 -30.71
C ALA A 392 -22.56 -10.36 -31.85
N GLY A 393 -21.29 -10.07 -31.64
CA GLY A 393 -20.51 -9.44 -32.69
C GLY A 393 -20.77 -7.96 -32.84
N GLN A 394 -21.49 -7.41 -31.87
CA GLN A 394 -21.78 -6.00 -31.93
C GLN A 394 -20.60 -5.09 -31.58
N ALA A 395 -19.55 -5.65 -31.01
CA ALA A 395 -18.41 -4.82 -30.65
C ALA A 395 -17.18 -5.63 -30.29
N GLU A 396 -16.01 -5.00 -30.43
CA GLU A 396 -14.73 -5.64 -30.06
C GLU A 396 -14.03 -4.55 -29.25
N PHE A 397 -13.36 -4.96 -28.20
CA PHE A 397 -12.75 -4.00 -27.30
C PHE A 397 -11.24 -3.90 -27.42
N PRO A 398 -10.72 -2.68 -27.22
CA PRO A 398 -9.28 -2.55 -27.31
C PRO A 398 -8.55 -3.09 -26.07
N THR A 399 -7.25 -3.35 -26.24
CA THR A 399 -6.39 -3.81 -25.17
C THR A 399 -5.61 -2.58 -24.64
N LEU A 400 -5.29 -2.59 -23.36
CA LEU A 400 -4.55 -1.47 -22.77
C LEU A 400 -3.60 -1.97 -21.68
N SER A 401 -2.46 -1.29 -21.50
CA SER A 401 -1.55 -1.59 -20.40
C SER A 401 -1.09 -0.20 -19.88
N GLY A 402 -0.67 -0.15 -18.62
CA GLY A 402 -0.23 1.12 -18.05
C GLY A 402 -1.02 1.42 -16.78
N ASP A 403 -0.81 2.61 -16.22
CA ASP A 403 -1.54 2.96 -15.00
C ASP A 403 -2.24 4.30 -15.21
N PHE A 404 -2.90 4.78 -14.18
CA PHE A 404 -3.58 6.03 -14.27
C PHE A 404 -3.19 6.98 -13.18
N PHE A 405 -1.89 7.17 -13.03
CA PHE A 405 -1.34 8.17 -12.08
C PHE A 405 -0.51 9.12 -12.93
N THR A 406 -0.41 10.41 -12.59
CA THR A 406 -1.03 11.06 -11.47
C THR A 406 -2.31 11.78 -11.93
N TYR A 407 -3.35 11.54 -11.17
CA TYR A 407 -4.67 12.09 -11.38
C TYR A 407 -4.77 13.63 -11.17
N ALA A 408 -5.54 14.30 -12.06
CA ALA A 408 -5.88 15.74 -11.91
C ALA A 408 -7.34 15.74 -12.25
N ASP A 409 -8.16 16.36 -11.41
CA ASP A 409 -9.58 16.40 -11.74
C ASP A 409 -9.96 17.69 -12.55
N ARG A 410 -9.05 18.66 -12.54
CA ARG A 410 -9.25 19.94 -13.25
C ARG A 410 -7.96 20.74 -13.30
N SER A 411 -7.85 21.61 -14.31
CA SER A 411 -6.65 22.44 -14.55
C SER A 411 -5.32 21.87 -14.14
N ASP A 412 -4.62 22.51 -13.20
CA ASP A 412 -3.32 22.02 -12.79
C ASP A 412 -3.36 21.35 -11.40
N ASN A 413 -4.55 20.95 -10.96
CA ASN A 413 -4.70 20.35 -9.63
C ASN A 413 -4.38 18.85 -9.71
N TYR A 414 -3.09 18.52 -9.57
CA TYR A 414 -2.66 17.14 -9.58
C TYR A 414 -2.67 16.65 -8.12
N TRP A 415 -3.18 15.46 -7.94
CA TRP A 415 -3.33 14.90 -6.57
C TRP A 415 -2.12 14.10 -6.17
N SER A 416 -0.95 14.72 -6.14
CA SER A 416 0.24 14.00 -5.75
C SER A 416 0.62 14.30 -4.31
N GLY A 417 -0.12 15.19 -3.65
CA GLY A 417 0.22 15.47 -2.25
C GLY A 417 -0.09 14.26 -1.32
N TYR A 418 -1.10 13.46 -1.66
CA TYR A 418 -1.49 12.32 -0.75
C TYR A 418 -0.55 11.14 -0.85
N TYR A 419 0.40 11.22 -1.79
CA TYR A 419 1.43 10.20 -1.84
C TYR A 419 2.35 10.37 -0.61
N THR A 420 2.22 11.51 0.10
CA THR A 420 3.09 11.77 1.26
C THR A 420 2.35 12.14 2.56
N SER A 421 1.11 12.65 2.43
CA SER A 421 0.35 13.12 3.61
C SER A 421 0.27 12.14 4.78
N ARG A 422 0.49 12.67 5.98
CA ARG A 422 0.50 11.91 7.22
C ARG A 422 1.48 10.73 7.01
N PRO A 423 2.76 11.02 6.82
CA PRO A 423 3.77 9.97 6.62
C PRO A 423 4.02 9.01 7.82
N TYR A 424 3.71 9.47 9.01
CA TYR A 424 3.86 8.62 10.20
C TYR A 424 3.00 7.35 9.99
N HIS A 425 1.75 7.52 9.58
CA HIS A 425 0.81 6.40 9.44
C HIS A 425 1.08 5.53 8.21
N LYS A 426 1.63 6.17 7.18
CA LYS A 426 2.07 5.48 5.97
C LYS A 426 3.18 4.48 6.37
N ARG A 427 4.08 4.92 7.26
CA ARG A 427 5.15 4.08 7.70
C ARG A 427 4.52 3.02 8.63
N MET A 428 3.59 3.45 9.49
CA MET A 428 2.95 2.48 10.36
C MET A 428 2.26 1.33 9.55
N ASP A 429 1.72 1.66 8.39
CA ASP A 429 1.07 0.67 7.53
C ASP A 429 2.01 -0.50 7.17
N ARG A 430 3.23 -0.15 6.81
CA ARG A 430 4.19 -1.15 6.41
C ARG A 430 4.66 -1.96 7.61
N VAL A 431 4.82 -1.32 8.76
CA VAL A 431 5.22 -2.09 9.94
C VAL A 431 4.06 -3.09 10.24
N LEU A 432 2.80 -2.60 10.31
CA LEU A 432 1.70 -3.55 10.60
C LEU A 432 1.55 -4.61 9.51
N MET A 433 1.72 -4.22 8.23
CA MET A 433 1.65 -5.23 7.15
C MET A 433 2.50 -6.48 7.54
N HIS A 434 3.75 -6.20 7.93
CA HIS A 434 4.69 -7.26 8.28
C HIS A 434 4.34 -8.04 9.56
N TYR A 435 3.91 -7.34 10.61
CA TYR A 435 3.53 -8.00 11.86
C TYR A 435 2.36 -8.97 11.61
N VAL A 436 1.40 -8.54 10.79
CA VAL A 436 0.26 -9.38 10.50
C VAL A 436 0.79 -10.64 9.83
N ARG A 437 1.60 -10.45 8.80
CA ARG A 437 2.13 -11.60 8.11
C ARG A 437 2.86 -12.50 9.08
N ALA A 438 3.70 -11.92 9.94
CA ALA A 438 4.44 -12.76 10.86
C ALA A 438 3.61 -13.50 11.93
N ALA A 439 2.56 -12.84 12.42
CA ALA A 439 1.69 -13.43 13.40
C ALA A 439 0.87 -14.54 12.78
N GLU A 440 0.30 -14.29 11.58
CA GLU A 440 -0.45 -15.39 10.94
C GLU A 440 0.50 -16.56 10.61
N MET A 441 1.70 -16.24 10.12
CA MET A 441 2.59 -17.33 9.77
C MET A 441 3.07 -18.08 11.04
N LEU A 442 3.57 -17.38 12.05
CA LEU A 442 4.03 -18.12 13.24
C LEU A 442 3.00 -18.98 13.90
N SER A 443 1.74 -18.49 13.97
CA SER A 443 0.68 -19.23 14.63
C SER A 443 0.04 -20.33 13.73
N ALA A 444 0.25 -20.26 12.40
CA ALA A 444 -0.33 -21.25 11.44
C ALA A 444 0.28 -22.65 11.61
N TRP A 445 1.50 -22.75 12.17
CA TRP A 445 2.11 -24.06 12.29
C TRP A 445 1.35 -25.01 13.22
N HIS A 446 0.54 -24.51 14.15
CA HIS A 446 -0.24 -25.40 15.01
C HIS A 446 -1.71 -25.00 14.99
N SER A 447 -2.54 -25.90 15.53
CA SER A 447 -3.96 -25.64 15.80
C SER A 447 -3.97 -25.10 17.24
N TRP A 448 -4.83 -24.16 17.55
CA TRP A 448 -4.79 -23.62 18.90
C TRP A 448 -6.18 -23.76 19.50
N ASP A 449 -6.20 -24.01 20.81
CA ASP A 449 -7.41 -24.12 21.60
C ASP A 449 -8.07 -22.77 21.56
N GLY A 450 -9.40 -22.76 21.53
CA GLY A 450 -10.15 -21.52 21.48
C GLY A 450 -9.75 -20.63 22.64
N MET A 451 -9.41 -21.22 23.79
CA MET A 451 -9.06 -20.38 24.93
C MET A 451 -7.86 -19.48 24.66
N ALA A 452 -7.01 -19.85 23.70
CA ALA A 452 -5.81 -19.02 23.44
C ALA A 452 -6.17 -17.72 22.71
N ARG A 453 -7.36 -17.71 22.10
CA ARG A 453 -7.88 -16.55 21.38
C ARG A 453 -7.02 -16.04 20.24
N ILE A 454 -6.39 -17.00 19.56
CA ILE A 454 -5.52 -16.66 18.45
C ILE A 454 -6.36 -16.14 17.29
N GLU A 455 -7.36 -16.92 16.87
CA GLU A 455 -8.21 -16.48 15.77
C GLU A 455 -8.78 -15.07 16.01
N GLU A 456 -9.22 -14.86 17.24
CA GLU A 456 -9.82 -13.61 17.61
C GLU A 456 -8.83 -12.44 17.46
N ARG A 457 -7.63 -12.60 18.01
CA ARG A 457 -6.63 -11.56 17.88
C ARG A 457 -6.20 -11.35 16.40
N LEU A 458 -6.01 -12.42 15.62
CA LEU A 458 -5.62 -12.18 14.22
C LEU A 458 -6.74 -11.51 13.43
N GLU A 459 -7.98 -11.90 13.71
CA GLU A 459 -9.13 -11.30 13.00
C GLU A 459 -9.13 -9.78 13.24
N GLN A 460 -8.93 -9.40 14.51
CA GLN A 460 -8.89 -7.98 14.82
C GLN A 460 -7.72 -7.32 14.08
N ALA A 461 -6.53 -7.93 14.11
CA ALA A 461 -5.36 -7.28 13.45
C ALA A 461 -5.59 -7.11 11.95
N ARG A 462 -6.11 -8.17 11.32
CA ARG A 462 -6.37 -8.11 9.91
C ARG A 462 -7.39 -7.02 9.58
N ARG A 463 -8.45 -6.89 10.38
CA ARG A 463 -9.46 -5.90 10.11
C ARG A 463 -9.03 -4.44 10.35
N GLU A 464 -8.26 -4.18 11.41
CA GLU A 464 -7.81 -2.80 11.64
C GLU A 464 -6.87 -2.41 10.48
N LEU A 465 -5.98 -3.31 10.06
CA LEU A 465 -5.04 -3.01 8.96
C LEU A 465 -5.84 -2.89 7.64
N SER A 466 -6.81 -3.79 7.47
CA SER A 466 -7.65 -3.70 6.25
C SER A 466 -8.42 -2.37 6.21
N LEU A 467 -8.96 -1.96 7.34
CA LEU A 467 -9.69 -0.70 7.37
C LEU A 467 -8.74 0.49 6.88
N PHE A 468 -7.49 0.48 7.36
CA PHE A 468 -6.58 1.56 6.99
C PHE A 468 -6.24 1.64 5.50
N GLN A 469 -6.51 0.58 4.74
CA GLN A 469 -6.25 0.64 3.29
C GLN A 469 -7.28 1.53 2.59
N HIS A 470 -8.31 1.95 3.33
CA HIS A 470 -9.32 2.81 2.77
C HIS A 470 -8.63 4.05 2.12
N HIS A 471 -9.22 4.57 1.03
CA HIS A 471 -8.66 5.73 0.35
C HIS A 471 -8.69 7.08 1.15
N ASP A 472 -9.09 7.04 2.44
CA ASP A 472 -8.93 8.21 3.33
C ASP A 472 -8.08 7.78 4.56
N GLY A 473 -7.58 6.53 4.56
CA GLY A 473 -6.75 6.08 5.67
C GLY A 473 -5.31 6.33 5.33
N ILE A 474 -4.68 5.30 4.74
CA ILE A 474 -3.27 5.35 4.32
C ILE A 474 -2.94 6.59 3.47
N THR A 475 -3.95 7.09 2.77
CA THR A 475 -3.75 8.27 1.94
C THR A 475 -3.50 9.56 2.76
N GLY A 476 -3.81 9.56 4.05
CA GLY A 476 -3.60 10.76 4.84
C GLY A 476 -4.55 11.91 4.49
N THR A 477 -5.73 11.57 4.02
CA THR A 477 -6.70 12.58 3.70
C THR A 477 -7.95 12.63 4.64
N ALA A 478 -7.80 12.16 5.89
CA ALA A 478 -8.93 12.23 6.84
C ALA A 478 -8.73 13.41 7.84
N LYS A 479 -9.80 13.74 8.56
CA LYS A 479 -9.71 14.81 9.55
C LYS A 479 -8.81 14.34 10.69
N THR A 480 -8.20 15.29 11.35
CA THR A 480 -7.29 14.99 12.45
C THR A 480 -7.77 13.94 13.45
N HIS A 481 -8.98 14.08 13.98
CA HIS A 481 -9.39 13.07 14.97
C HIS A 481 -9.66 11.67 14.33
N VAL A 482 -9.90 11.63 13.01
CA VAL A 482 -10.16 10.38 12.31
C VAL A 482 -8.77 9.71 12.09
N VAL A 483 -7.73 10.48 11.81
CA VAL A 483 -6.38 9.90 11.69
C VAL A 483 -6.03 9.28 13.08
N VAL A 484 -6.38 9.98 14.16
CA VAL A 484 -6.12 9.47 15.50
C VAL A 484 -6.84 8.13 15.71
N ASP A 485 -8.08 8.03 15.24
CA ASP A 485 -8.85 6.80 15.36
C ASP A 485 -8.13 5.62 14.64
N TYR A 486 -7.72 5.86 13.41
CA TYR A 486 -6.98 4.82 12.62
C TYR A 486 -5.69 4.43 13.33
N GLU A 487 -4.94 5.40 13.83
CA GLU A 487 -3.67 5.09 14.53
C GLU A 487 -3.95 4.22 15.78
N GLN A 488 -4.95 4.63 16.62
CA GLN A 488 -5.29 3.81 17.83
C GLN A 488 -5.68 2.40 17.39
N ARG A 489 -6.46 2.27 16.31
CA ARG A 489 -6.83 0.92 15.85
C ARG A 489 -5.59 0.09 15.44
N MET A 490 -4.63 0.71 14.76
CA MET A 490 -3.43 -0.02 14.33
C MET A 490 -2.53 -0.35 15.55
N GLN A 491 -2.50 0.55 16.52
CA GLN A 491 -1.77 0.24 17.75
C GLN A 491 -2.36 -1.05 18.46
N GLU A 492 -3.69 -1.18 18.53
CA GLU A 492 -4.27 -2.37 19.10
C GLU A 492 -3.93 -3.55 18.17
N ALA A 493 -3.98 -3.33 16.86
CA ALA A 493 -3.63 -4.48 15.95
C ALA A 493 -2.19 -4.93 16.21
N LEU A 494 -1.28 -3.98 16.34
CA LEU A 494 0.13 -4.33 16.63
C LEU A 494 0.25 -5.16 17.97
N LYS A 495 -0.44 -4.72 19.04
CA LYS A 495 -0.42 -5.49 20.30
C LYS A 495 -1.01 -6.90 20.08
N ALA A 496 -2.06 -7.01 19.28
CA ALA A 496 -2.68 -8.32 19.01
C ALA A 496 -1.62 -9.25 18.32
N CYS A 497 -0.95 -8.77 17.25
CA CYS A 497 0.08 -9.53 16.55
C CYS A 497 1.20 -9.92 17.54
N GLN A 498 1.66 -8.99 18.35
CA GLN A 498 2.77 -9.31 19.31
C GLN A 498 2.33 -10.45 20.24
N MET A 499 1.08 -10.40 20.74
CA MET A 499 0.60 -11.47 21.64
C MET A 499 0.60 -12.81 20.88
N VAL A 500 0.06 -12.86 19.65
CA VAL A 500 0.06 -14.10 18.93
C VAL A 500 1.48 -14.58 18.63
N MET A 501 2.33 -13.67 18.13
CA MET A 501 3.73 -14.06 17.84
C MET A 501 4.49 -14.65 19.05
N GLN A 502 4.44 -13.97 20.21
CA GLN A 502 5.20 -14.43 21.38
C GLN A 502 4.65 -15.76 21.95
N GLN A 503 3.34 -15.97 21.91
CA GLN A 503 2.77 -17.24 22.37
C GLN A 503 3.26 -18.31 21.39
N SER A 504 3.29 -18.01 20.10
CA SER A 504 3.70 -19.01 19.08
C SER A 504 5.17 -19.41 19.24
N VAL A 505 6.04 -18.42 19.42
CA VAL A 505 7.49 -18.68 19.57
C VAL A 505 7.71 -19.59 20.79
N TYR A 506 6.99 -19.30 21.88
CA TYR A 506 7.12 -20.07 23.09
C TYR A 506 6.75 -21.53 22.85
N ARG A 507 5.71 -21.75 22.06
CA ARG A 507 5.27 -23.10 21.73
C ARG A 507 6.23 -23.81 20.77
N LEU A 508 6.75 -23.10 19.77
CA LEU A 508 7.62 -23.70 18.73
C LEU A 508 9.04 -24.01 19.25
N LEU A 509 9.42 -23.38 20.37
CA LEU A 509 10.79 -23.56 20.85
C LEU A 509 10.95 -24.11 22.28
N THR A 510 9.90 -24.72 22.81
CA THR A 510 9.90 -25.34 24.14
C THR A 510 9.62 -26.87 24.00
N LYS A 511 10.49 -27.69 24.60
CA LYS A 511 10.31 -29.17 24.57
C LYS A 511 8.82 -29.45 24.79
N PRO A 512 8.20 -30.27 23.94
CA PRO A 512 6.76 -30.56 24.07
C PRO A 512 6.21 -30.99 25.42
N SER A 513 6.92 -31.89 26.09
CA SER A 513 6.51 -32.39 27.38
C SER A 513 6.71 -31.37 28.53
N ILE A 514 7.23 -30.19 28.22
CA ILE A 514 7.50 -29.18 29.25
C ILE A 514 6.62 -27.94 29.02
N TYR A 515 6.25 -27.75 27.76
CA TYR A 515 5.39 -26.64 27.34
C TYR A 515 4.15 -26.52 28.23
N SER A 516 4.00 -25.41 28.94
CA SER A 516 2.88 -25.20 29.87
C SER A 516 2.38 -23.74 29.70
N PRO A 517 1.60 -23.50 28.66
CA PRO A 517 1.10 -22.17 28.40
C PRO A 517 0.02 -21.56 29.28
N ASP A 518 0.17 -20.25 29.51
CA ASP A 518 -0.81 -19.42 30.19
C ASP A 518 -1.02 -18.44 28.99
N PHE A 519 -2.17 -18.54 28.35
CA PHE A 519 -2.43 -17.73 27.15
C PHE A 519 -2.57 -16.24 27.35
N SER A 520 -2.55 -15.74 28.60
CA SER A 520 -2.57 -14.29 28.80
C SER A 520 -1.18 -13.81 29.29
N PHE A 521 -0.23 -14.71 29.38
CA PHE A 521 1.12 -14.34 29.88
C PHE A 521 2.13 -13.90 28.78
N SER A 522 3.09 -13.04 29.14
CA SER A 522 4.13 -12.58 28.18
C SER A 522 5.42 -13.31 28.38
N TYR A 523 5.62 -14.33 27.55
CA TYR A 523 6.84 -15.12 27.57
C TYR A 523 7.96 -14.33 26.91
N PHE A 524 7.62 -13.59 25.86
CA PHE A 524 8.61 -12.83 25.15
C PHE A 524 8.09 -11.43 24.91
N THR A 525 8.98 -10.46 24.82
CA THR A 525 8.50 -9.15 24.37
C THR A 525 9.24 -8.87 23.03
N LEU A 526 8.58 -8.21 22.08
CA LEU A 526 9.20 -7.91 20.83
C LEU A 526 10.16 -6.76 21.00
N ASP A 527 11.28 -6.80 20.27
CA ASP A 527 12.21 -5.70 20.29
C ASP A 527 12.27 -5.18 18.84
N ASP A 528 11.84 -3.96 18.60
CA ASP A 528 11.82 -3.41 17.23
C ASP A 528 12.68 -2.13 17.17
N SER A 529 13.77 -2.20 16.42
CA SER A 529 14.74 -1.07 16.27
C SER A 529 14.29 0.05 15.37
N ARG A 530 13.29 -0.19 14.53
CA ARG A 530 12.91 0.86 13.61
C ARG A 530 11.49 1.38 13.72
N TRP A 531 10.74 0.90 14.72
CA TRP A 531 9.40 1.40 14.90
C TRP A 531 9.07 1.33 16.36
N PRO A 532 8.56 2.44 16.96
CA PRO A 532 8.35 3.78 16.34
C PRO A 532 9.65 4.45 15.90
N GLY A 533 10.76 3.94 16.42
CA GLY A 533 12.07 4.44 16.12
C GLY A 533 12.68 5.21 17.26
N SER A 534 14.03 5.17 17.31
CA SER A 534 14.78 5.91 18.32
C SER A 534 14.55 7.35 17.91
N GLY A 535 14.23 8.22 18.87
CA GLY A 535 13.94 9.61 18.54
C GLY A 535 12.43 9.83 18.42
N VAL A 536 11.69 8.78 18.09
CA VAL A 536 10.24 8.97 18.00
C VAL A 536 9.67 8.58 19.37
N GLU A 537 10.11 7.45 19.90
CA GLU A 537 9.59 6.99 21.18
C GLU A 537 10.62 6.02 21.82
N ASP A 538 10.87 6.20 23.12
CA ASP A 538 11.82 5.32 23.81
C ASP A 538 11.01 4.15 24.34
N SER A 539 10.77 3.20 23.47
CA SER A 539 9.94 2.08 23.84
C SER A 539 10.69 0.77 23.96
N ARG A 540 11.94 0.68 23.48
CA ARG A 540 12.70 -0.58 23.58
C ARG A 540 13.13 -0.92 25.00
N THR A 541 13.03 -2.21 25.33
CA THR A 541 13.40 -2.63 26.68
C THR A 541 14.91 -2.94 26.74
N THR A 542 15.58 -2.56 27.81
CA THR A 542 17.00 -2.87 27.91
C THR A 542 17.15 -4.27 28.56
N ILE A 543 18.01 -5.16 28.03
CA ILE A 543 18.23 -6.44 28.68
C ILE A 543 19.17 -6.16 29.89
N ILE A 544 18.69 -6.41 31.11
CA ILE A 544 19.46 -6.13 32.30
C ILE A 544 20.18 -7.38 32.78
N LEU A 545 21.50 -7.31 32.77
CA LEU A 545 22.34 -8.44 33.16
C LEU A 545 23.32 -7.99 34.24
N GLY A 546 23.88 -8.95 34.95
CA GLY A 546 24.81 -8.60 36.00
C GLY A 546 25.36 -9.86 36.63
N GLU A 547 26.65 -9.84 36.92
CA GLU A 547 27.34 -10.95 37.53
C GLU A 547 26.72 -11.29 38.91
N ASP A 548 26.14 -10.28 39.57
CA ASP A 548 25.50 -10.47 40.88
C ASP A 548 23.99 -10.71 40.80
N ILE A 549 23.46 -10.72 39.59
CA ILE A 549 22.03 -10.87 39.36
C ILE A 549 21.91 -11.92 38.24
N LEU A 550 21.18 -11.63 37.19
CA LEU A 550 21.01 -12.56 36.09
C LEU A 550 22.22 -12.50 35.11
N PRO A 551 22.96 -13.59 34.91
CA PRO A 551 24.10 -13.46 33.97
C PRO A 551 23.82 -13.53 32.47
N SER A 552 22.69 -14.13 32.09
CA SER A 552 22.42 -14.24 30.68
C SER A 552 20.96 -14.13 30.36
N LYS A 553 20.70 -14.02 29.07
CA LYS A 553 19.35 -13.84 28.56
C LYS A 553 19.18 -14.46 27.19
N HIS A 554 18.08 -15.19 26.98
CA HIS A 554 17.81 -15.77 25.67
C HIS A 554 17.07 -14.79 24.77
N VAL A 555 17.44 -14.71 23.50
CA VAL A 555 16.72 -13.88 22.52
C VAL A 555 16.47 -14.81 21.35
N VAL A 556 15.39 -14.50 20.63
CA VAL A 556 15.00 -15.35 19.50
C VAL A 556 14.69 -14.51 18.28
N MET A 557 15.19 -14.93 17.11
CA MET A 557 14.88 -14.20 15.86
C MET A 557 13.96 -15.06 14.98
N HIS A 558 13.01 -14.41 14.30
CA HIS A 558 12.10 -15.11 13.38
C HIS A 558 12.39 -14.55 11.98
N ASN A 559 12.36 -15.45 11.00
CA ASN A 559 12.56 -15.07 9.61
C ASN A 559 11.30 -15.49 8.83
N THR A 560 10.44 -14.53 8.43
CA THR A 560 9.21 -14.90 7.75
C THR A 560 9.41 -15.31 6.28
N LEU A 561 10.58 -15.00 5.74
CA LEU A 561 10.88 -15.30 4.32
C LEU A 561 11.27 -16.74 4.11
N PRO A 562 10.91 -17.33 2.95
CA PRO A 562 11.23 -18.73 2.65
C PRO A 562 12.65 -19.09 2.19
N HIS A 563 13.68 -18.46 2.74
CA HIS A 563 15.08 -18.86 2.44
C HIS A 563 15.90 -18.50 3.70
N TRP A 564 17.01 -19.21 3.90
CA TRP A 564 17.93 -18.90 4.99
C TRP A 564 18.31 -17.45 4.92
N ARG A 565 18.34 -16.77 6.08
CA ARG A 565 18.73 -15.41 6.02
C ARG A 565 19.65 -15.07 7.21
N GLU A 566 20.67 -14.28 6.87
CA GLU A 566 21.64 -13.70 7.82
C GLU A 566 21.35 -12.20 7.85
N GLN A 567 21.26 -11.59 9.03
CA GLN A 567 21.03 -10.15 9.09
C GLN A 567 21.59 -9.70 10.45
N LEU A 568 22.18 -8.51 10.52
CA LEU A 568 22.67 -8.05 11.82
C LEU A 568 21.41 -7.65 12.63
N VAL A 569 21.39 -7.96 13.93
CA VAL A 569 20.28 -7.60 14.79
C VAL A 569 20.94 -6.91 15.98
N ASP A 570 20.24 -5.98 16.61
CA ASP A 570 20.86 -5.29 17.74
C ASP A 570 19.89 -5.30 18.89
N PHE A 571 20.41 -5.23 20.11
CA PHE A 571 19.55 -5.19 21.31
C PHE A 571 20.20 -4.18 22.25
N TYR A 572 19.42 -3.61 23.15
CA TYR A 572 19.93 -2.71 24.18
C TYR A 572 20.33 -3.57 25.42
N VAL A 573 21.53 -3.35 25.99
CA VAL A 573 21.95 -4.14 27.16
C VAL A 573 22.48 -3.18 28.22
N SER A 574 22.46 -3.61 29.48
CA SER A 574 22.84 -2.75 30.60
C SER A 574 24.32 -2.64 30.83
N SER A 575 25.12 -3.41 30.09
CA SER A 575 26.57 -3.39 30.22
C SER A 575 27.25 -3.51 28.86
N PRO A 576 28.42 -2.88 28.70
CA PRO A 576 29.07 -3.05 27.38
C PRO A 576 29.79 -4.37 27.29
N PHE A 577 29.93 -5.06 28.41
CA PHE A 577 30.68 -6.31 28.39
C PHE A 577 29.76 -7.51 28.23
N VAL A 578 29.32 -7.72 26.99
CA VAL A 578 28.39 -8.81 26.73
C VAL A 578 28.89 -9.59 25.53
N SER A 579 28.78 -10.91 25.59
CA SER A 579 29.18 -11.73 24.46
C SER A 579 27.97 -12.61 24.03
N VAL A 580 27.98 -13.03 22.77
CA VAL A 580 26.85 -13.77 22.19
C VAL A 580 27.24 -15.19 21.83
N THR A 581 26.32 -16.13 22.07
CA THR A 581 26.50 -17.53 21.66
C THR A 581 25.22 -18.03 21.00
N ASP A 582 25.34 -19.09 20.19
CA ASP A 582 24.19 -19.67 19.55
C ASP A 582 23.76 -20.80 20.50
N LEU A 583 22.75 -21.62 20.21
CA LEU A 583 22.42 -22.55 21.29
C LEU A 583 23.25 -23.83 21.39
N ALA A 584 24.27 -23.99 20.54
CA ALA A 584 25.20 -25.12 20.73
C ALA A 584 26.42 -24.46 21.46
N ASN A 585 26.20 -23.28 22.02
CA ASN A 585 27.27 -22.57 22.70
C ASN A 585 28.44 -22.13 21.79
N ASN A 586 28.23 -22.02 20.49
CA ASN A 586 29.32 -21.50 19.64
C ASN A 586 29.38 -19.98 19.73
N PRO A 587 30.58 -19.42 19.99
CA PRO A 587 30.60 -17.96 20.06
C PRO A 587 30.18 -17.31 18.76
N VAL A 588 29.58 -16.14 18.87
CA VAL A 588 29.15 -15.36 17.76
C VAL A 588 29.83 -14.00 17.88
N GLU A 589 30.44 -13.55 16.78
CA GLU A 589 31.11 -12.27 16.76
C GLU A 589 30.09 -11.13 16.97
N ALA A 590 30.41 -10.20 17.86
CA ALA A 590 29.53 -9.11 18.14
C ALA A 590 30.22 -7.77 18.19
N GLN A 591 29.44 -6.72 18.05
CA GLN A 591 29.96 -5.36 18.19
C GLN A 591 29.09 -4.56 19.18
N VAL A 592 29.72 -3.83 20.10
CA VAL A 592 28.94 -2.98 20.99
C VAL A 592 29.19 -1.53 20.59
N SER A 593 28.13 -0.71 20.62
CA SER A 593 28.20 0.72 20.28
C SER A 593 27.42 1.46 21.38
N PRO A 594 27.63 2.77 21.53
CA PRO A 594 26.87 3.49 22.56
C PRO A 594 25.42 3.62 21.99
N VAL A 595 24.49 4.12 22.83
CA VAL A 595 23.12 4.38 22.39
C VAL A 595 23.14 5.91 22.25
N TRP A 596 23.06 6.41 21.02
CA TRP A 596 23.10 7.85 20.73
C TRP A 596 21.71 8.41 20.48
N SER A 597 21.35 9.50 21.16
CA SER A 597 20.02 10.10 20.89
C SER A 597 20.26 11.59 20.57
N TRP A 598 19.36 12.23 19.85
CA TRP A 598 19.59 13.60 19.47
C TRP A 598 18.64 14.56 20.10
N HIS A 599 19.13 15.74 20.48
CA HIS A 599 18.26 16.69 21.15
C HIS A 599 18.51 18.09 20.62
N HIS A 600 17.42 18.82 20.38
CA HIS A 600 17.55 20.19 19.91
C HIS A 600 17.90 20.90 21.20
N ASP A 601 19.19 21.20 21.34
CA ASP A 601 19.78 21.88 22.48
C ASP A 601 19.36 23.36 22.38
N THR A 602 18.17 23.67 22.88
CA THR A 602 17.64 25.03 22.83
C THR A 602 18.37 25.91 23.88
N LEU A 603 19.68 25.70 24.01
CA LEU A 603 20.55 26.43 24.94
C LEU A 603 21.80 26.94 24.19
N THR A 604 22.43 26.06 23.39
CA THR A 604 23.58 26.46 22.52
C THR A 604 23.05 26.38 21.07
N LYS A 605 21.71 26.37 20.98
CA LYS A 605 20.94 26.29 19.74
C LYS A 605 21.49 25.39 18.65
N THR A 606 21.71 24.14 19.04
CA THR A 606 22.20 23.11 18.14
C THR A 606 21.30 21.88 18.33
N ILE A 607 21.36 21.01 17.35
CA ILE A 607 20.68 19.74 17.38
C ILE A 607 21.93 18.90 17.53
N HIS A 608 22.18 18.34 18.71
CA HIS A 608 23.40 17.53 18.91
C HIS A 608 23.09 16.20 19.62
N PRO A 609 24.01 15.25 19.48
CA PRO A 609 23.83 13.94 20.10
C PRO A 609 24.27 13.84 21.54
N GLN A 610 23.65 12.91 22.27
CA GLN A 610 24.01 12.61 23.65
C GLN A 610 24.14 11.12 23.70
N GLY A 611 25.13 10.63 24.40
CA GLY A 611 25.29 9.20 24.54
C GLY A 611 24.78 8.70 25.89
N SER A 612 24.15 7.54 25.88
CA SER A 612 23.68 6.97 27.13
C SER A 612 24.86 6.56 28.03
N THR A 613 24.69 6.76 29.33
CA THR A 613 25.71 6.35 30.28
C THR A 613 25.14 5.13 31.04
N THR A 614 23.93 4.66 30.67
CA THR A 614 23.28 3.56 31.39
C THR A 614 22.89 2.32 30.56
N LYS A 615 22.93 2.40 29.24
CA LYS A 615 22.65 1.25 28.37
C LYS A 615 23.49 1.33 27.12
N TYR A 616 23.65 0.20 26.44
CA TYR A 616 24.49 0.12 25.27
C TYR A 616 23.85 -0.73 24.24
N ARG A 617 24.36 -0.72 23.01
CA ARG A 617 23.76 -1.53 21.94
C ARG A 617 24.68 -2.69 21.56
N ILE A 618 24.18 -3.92 21.55
CA ILE A 618 25.00 -5.03 21.05
C ILE A 618 24.43 -5.47 19.70
N ILE A 619 25.33 -5.75 18.76
CA ILE A 619 24.99 -6.07 17.38
C ILE A 619 25.69 -7.36 16.98
N PHE A 620 24.97 -8.27 16.29
CA PHE A 620 25.61 -9.50 15.86
C PHE A 620 24.80 -10.05 14.71
N LYS A 621 25.37 -10.98 13.95
CA LYS A 621 24.70 -11.54 12.81
C LYS A 621 23.92 -12.73 13.23
N ALA A 622 22.62 -12.72 12.92
CA ALA A 622 21.77 -13.83 13.28
C ALA A 622 21.56 -14.61 11.99
N ARG A 623 21.53 -15.93 12.07
CA ARG A 623 21.31 -16.75 10.87
C ARG A 623 20.03 -17.55 11.20
N VAL A 624 19.02 -17.42 10.36
CA VAL A 624 17.70 -17.99 10.69
C VAL A 624 17.16 -18.85 9.57
N PRO A 625 16.59 -20.02 9.90
CA PRO A 625 16.05 -20.91 8.86
C PRO A 625 14.96 -20.26 8.06
N PRO A 626 14.60 -20.87 6.94
CA PRO A 626 13.53 -20.35 6.09
C PRO A 626 12.25 -20.40 6.97
N MET A 627 11.45 -19.33 7.04
CA MET A 627 10.20 -19.37 7.83
C MET A 627 10.41 -20.03 9.18
N GLY A 628 11.50 -19.64 9.84
CA GLY A 628 11.86 -20.32 11.04
C GLY A 628 12.36 -19.40 12.12
N LEU A 629 12.98 -20.02 13.11
CA LEU A 629 13.47 -19.34 14.31
C LEU A 629 14.89 -19.77 14.68
N ALA A 630 15.60 -18.88 15.36
CA ALA A 630 16.94 -19.18 15.82
C ALA A 630 17.12 -18.53 17.20
N THR A 631 17.57 -19.30 18.21
CA THR A 631 17.78 -18.80 19.57
C THR A 631 19.26 -18.41 19.82
N TYR A 632 19.51 -17.26 20.48
CA TYR A 632 20.89 -16.89 20.85
C TYR A 632 20.90 -16.56 22.35
N VAL A 633 22.08 -16.48 22.95
CA VAL A 633 22.19 -16.14 24.37
C VAL A 633 23.22 -14.98 24.52
N LEU A 634 22.88 -13.98 25.31
CA LEU A 634 23.77 -12.85 25.57
C LEU A 634 24.19 -13.06 27.02
N THR A 635 25.50 -13.04 27.28
CA THR A 635 26.03 -13.31 28.62
C THR A 635 26.92 -12.16 29.06
N ILE A 636 26.77 -11.70 30.29
CA ILE A 636 27.59 -10.57 30.70
C ILE A 636 28.94 -11.08 31.21
N SER A 637 29.97 -10.24 31.21
CA SER A 637 31.24 -10.60 31.85
C SER A 637 31.74 -9.32 32.53
N ASP A 638 32.83 -9.39 33.27
CA ASP A 638 33.28 -8.15 33.94
C ASP A 638 34.28 -7.31 33.17
N SER A 639 34.68 -7.77 31.98
CA SER A 639 35.65 -7.04 31.20
C SER A 639 35.43 -7.48 29.75
N LYS A 640 36.15 -6.86 28.83
CA LYS A 640 35.99 -7.16 27.40
C LYS A 640 35.95 -8.65 27.04
N PRO A 641 34.84 -9.10 26.42
CA PRO A 641 34.82 -10.53 26.07
C PRO A 641 35.63 -10.80 24.83
N GLU A 642 36.04 -12.03 24.63
CA GLU A 642 36.86 -12.36 23.49
C GLU A 642 36.27 -12.09 22.12
N HIS A 643 34.98 -12.31 21.94
CA HIS A 643 34.40 -12.13 20.62
C HIS A 643 33.57 -10.90 20.41
N THR A 644 33.76 -9.91 21.26
CA THR A 644 33.00 -8.69 21.11
C THR A 644 33.97 -7.54 20.92
N SER A 645 33.70 -6.69 19.94
CA SER A 645 34.54 -5.53 19.66
C SER A 645 33.75 -4.28 19.97
N TYR A 646 34.45 -3.16 19.98
CA TYR A 646 33.83 -1.90 20.32
C TYR A 646 34.04 -0.84 19.26
N ALA A 647 32.98 -0.15 18.92
CA ALA A 647 33.12 0.91 17.96
C ALA A 647 33.83 2.17 18.51
N SER A 648 34.46 2.90 17.62
CA SER A 648 35.08 4.17 17.92
C SER A 648 34.01 5.19 17.54
N ASN A 649 34.04 6.36 18.15
CA ASN A 649 33.06 7.38 17.86
C ASN A 649 33.76 8.72 17.70
N LEU A 650 33.36 9.45 16.67
CA LEU A 650 33.93 10.76 16.39
C LEU A 650 32.85 11.80 16.22
N LEU A 651 32.92 12.86 17.01
CA LEU A 651 31.99 13.96 16.99
C LEU A 651 32.64 15.15 16.27
N LEU A 652 32.04 15.59 15.17
CA LEU A 652 32.58 16.68 14.36
C LEU A 652 31.74 17.91 14.47
N ARG A 653 32.35 18.91 15.09
CA ARG A 653 31.74 20.21 15.28
C ARG A 653 32.81 21.06 15.93
N LYS A 654 32.73 22.36 15.68
CA LYS A 654 33.70 23.28 16.26
C LYS A 654 33.21 23.52 17.69
N ASN A 655 34.13 23.84 18.59
CA ASN A 655 33.73 24.14 19.98
C ASN A 655 33.12 22.89 20.65
N PRO A 656 33.78 21.73 20.53
CA PRO A 656 33.18 20.56 21.16
C PRO A 656 33.29 20.51 22.65
N THR A 657 32.39 19.75 23.27
CA THR A 657 32.49 19.53 24.71
C THR A 657 32.52 18.02 24.87
N SER A 658 32.99 17.54 26.02
CA SER A 658 33.09 16.11 26.26
C SER A 658 31.71 15.42 26.24
N LEU A 659 31.73 14.11 26.04
CA LEU A 659 30.52 13.25 25.98
C LEU A 659 30.83 11.98 26.76
N PRO A 660 30.52 11.93 28.06
CA PRO A 660 30.81 10.71 28.83
C PRO A 660 29.86 9.56 28.42
N LEU A 661 30.32 8.32 28.51
CA LEU A 661 29.48 7.17 28.09
C LEU A 661 29.43 6.06 29.13
N GLY A 662 29.42 6.43 30.41
CA GLY A 662 29.34 5.42 31.47
C GLY A 662 30.48 4.44 31.39
N GLN A 663 30.14 3.15 31.28
CA GLN A 663 31.16 2.12 31.19
C GLN A 663 31.69 1.85 29.80
N TYR A 664 31.22 2.58 28.81
CA TYR A 664 31.69 2.28 27.46
C TYR A 664 33.21 2.39 27.54
N PRO A 665 33.94 1.37 27.07
CA PRO A 665 35.42 1.37 27.14
C PRO A 665 36.27 2.27 26.25
N GLU A 666 35.68 2.90 25.24
CA GLU A 666 36.46 3.78 24.40
C GLU A 666 35.97 5.20 24.43
N ASP A 667 36.87 6.14 24.69
CA ASP A 667 36.56 7.57 24.76
C ASP A 667 36.15 8.15 23.40
N VAL A 668 35.14 9.00 23.40
CA VAL A 668 34.74 9.64 22.16
C VAL A 668 35.88 10.62 21.73
N LYS A 669 36.10 10.69 20.42
CA LYS A 669 37.10 11.58 19.81
C LYS A 669 36.35 12.75 19.19
N PHE A 670 37.01 13.92 19.12
CA PHE A 670 36.41 15.13 18.58
C PHE A 670 37.25 15.72 17.46
N GLY A 671 36.66 16.61 16.66
CA GLY A 671 37.37 17.23 15.55
C GLY A 671 36.52 18.32 14.91
N ASP A 672 37.13 19.13 14.06
CA ASP A 672 36.41 20.17 13.35
C ASP A 672 35.74 19.49 12.16
N PRO A 673 34.62 20.05 11.66
CA PRO A 673 33.94 19.45 10.51
C PRO A 673 34.96 19.16 9.41
N ARG A 674 34.83 18.03 8.77
CA ARG A 674 35.72 17.69 7.68
C ARG A 674 35.14 16.53 6.85
N GLU A 675 35.59 16.39 5.61
CA GLU A 675 35.15 15.26 4.81
C GLU A 675 35.69 14.00 5.45
N ILE A 676 34.95 12.90 5.34
CA ILE A 676 35.37 11.63 5.90
C ILE A 676 34.95 10.51 4.98
N SER A 677 35.58 9.38 5.15
CA SER A 677 35.28 8.27 4.28
C SER A 677 35.23 7.00 5.13
N LEU A 678 34.33 6.08 4.81
CA LEU A 678 34.23 4.87 5.59
C LEU A 678 34.08 3.64 4.76
N ARG A 679 34.46 2.52 5.31
CA ARG A 679 34.26 1.29 4.60
C ARG A 679 34.03 0.13 5.56
N VAL A 680 32.90 -0.54 5.48
CA VAL A 680 32.71 -1.71 6.35
C VAL A 680 32.95 -2.95 5.51
N GLY A 681 33.71 -3.89 6.07
CA GLY A 681 34.02 -5.15 5.38
C GLY A 681 34.62 -4.91 3.99
N ASN A 682 34.17 -5.66 2.99
CA ASN A 682 34.65 -5.49 1.60
C ASN A 682 33.72 -4.66 0.74
N GLY A 683 32.59 -4.25 1.32
CA GLY A 683 31.60 -3.48 0.60
C GLY A 683 32.10 -2.15 0.11
N PRO A 684 31.21 -1.28 -0.34
CA PRO A 684 31.62 0.05 -0.85
C PRO A 684 32.27 0.98 0.16
N THR A 685 32.94 2.01 -0.36
CA THR A 685 33.54 3.04 0.45
C THR A 685 32.71 4.29 0.18
N LEU A 686 32.22 4.89 1.24
CA LEU A 686 31.41 6.05 1.05
C LEU A 686 32.12 7.28 1.54
N ALA A 687 31.99 8.37 0.79
CA ALA A 687 32.62 9.63 1.18
C ALA A 687 31.52 10.58 1.58
N PHE A 688 31.75 11.34 2.64
CA PHE A 688 30.78 12.30 3.12
C PHE A 688 31.27 13.75 3.14
N SER A 689 30.36 14.68 2.94
CA SER A 689 30.73 16.07 2.95
C SER A 689 30.98 16.43 4.41
N GLU A 690 31.48 17.65 4.63
CA GLU A 690 31.73 18.08 5.99
C GLU A 690 30.43 18.39 6.70
N GLN A 691 29.29 18.41 5.98
CA GLN A 691 27.99 18.55 6.67
C GLN A 691 27.35 17.14 6.97
N GLY A 692 28.12 16.07 6.77
CA GLY A 692 27.68 14.72 7.10
C GLY A 692 26.77 14.06 6.07
N LEU A 693 26.73 14.60 4.86
CA LEU A 693 25.89 13.98 3.82
C LEU A 693 26.72 13.27 2.80
N LEU A 694 26.15 12.20 2.29
CA LEU A 694 26.79 11.41 1.27
C LEU A 694 27.15 12.35 0.10
N LYS A 695 28.33 12.07 -0.46
CA LYS A 695 28.94 12.84 -1.57
C LYS A 695 29.31 11.87 -2.66
N SER A 696 29.79 10.71 -2.28
CA SER A 696 30.19 9.76 -3.32
C SER A 696 30.30 8.35 -2.79
N ILE A 697 30.24 7.39 -3.70
CA ILE A 697 30.33 5.96 -3.39
C ILE A 697 31.32 5.26 -4.32
N GLN A 698 32.26 4.52 -3.75
CA GLN A 698 33.23 3.81 -4.53
C GLN A 698 32.97 2.35 -4.29
N LEU A 699 32.48 1.66 -5.30
CA LEU A 699 32.11 0.25 -5.18
C LEU A 699 33.21 -0.71 -4.75
N THR A 700 34.39 -0.59 -5.36
CA THR A 700 35.50 -1.47 -5.01
C THR A 700 36.73 -0.61 -4.84
N GLN A 701 37.80 -1.25 -4.37
CA GLN A 701 39.11 -0.62 -4.12
C GLN A 701 39.64 0.26 -5.28
N ASP A 702 39.55 -0.34 -6.45
CA ASP A 702 39.98 0.22 -7.73
C ASP A 702 39.00 1.22 -8.37
N SER A 703 37.73 0.79 -8.49
CA SER A 703 36.66 1.56 -9.13
C SER A 703 36.68 3.00 -8.69
N PRO A 704 35.99 3.85 -9.43
CA PRO A 704 35.94 5.27 -9.09
C PRO A 704 34.93 5.69 -8.03
N HIS A 705 35.07 6.95 -7.63
CA HIS A 705 34.22 7.58 -6.65
C HIS A 705 33.05 8.22 -7.36
N VAL A 706 31.97 7.47 -7.47
CA VAL A 706 30.78 7.92 -8.14
C VAL A 706 30.07 9.00 -7.34
N PRO A 707 29.85 10.20 -7.94
CA PRO A 707 29.18 11.33 -7.29
C PRO A 707 27.71 10.95 -7.01
N VAL A 708 27.35 10.94 -5.73
CA VAL A 708 25.99 10.58 -5.27
C VAL A 708 25.93 11.45 -4.05
N HIS A 709 25.16 12.52 -4.12
CA HIS A 709 25.07 13.48 -3.03
C HIS A 709 23.63 13.66 -2.54
N PHE A 710 23.43 13.54 -1.24
CA PHE A 710 22.12 13.71 -0.65
C PHE A 710 21.97 15.21 -0.40
N LYS A 711 20.77 15.71 -0.54
CA LYS A 711 20.55 17.11 -0.24
C LYS A 711 19.12 17.27 0.20
N PHE A 712 18.86 18.11 1.19
CA PHE A 712 17.48 18.38 1.62
C PHE A 712 17.02 19.77 1.18
N LEU A 713 15.81 19.82 0.62
CA LEU A 713 15.23 21.08 0.14
C LEU A 713 13.80 21.20 0.61
N LYS A 714 13.22 22.38 0.43
CA LYS A 714 11.85 22.59 0.80
C LYS A 714 11.05 23.23 -0.30
N TYR A 715 9.77 22.81 -0.38
CA TYR A 715 8.83 23.36 -1.33
C TYR A 715 7.91 24.24 -0.49
N GLY A 716 7.34 25.28 -1.09
CA GLY A 716 6.43 26.13 -0.34
C GLY A 716 5.06 25.99 -0.96
N VAL A 717 4.15 26.87 -0.58
CA VAL A 717 2.79 26.86 -1.05
C VAL A 717 2.53 28.15 -1.78
N ARG A 718 1.63 28.18 -2.76
CA ARG A 718 1.35 29.42 -3.49
C ARG A 718 0.65 30.48 -2.64
N SER A 719 1.06 31.71 -2.90
CA SER A 719 0.57 32.93 -2.23
C SER A 719 -0.87 33.20 -2.60
N HIS A 720 -1.09 33.26 -3.91
CA HIS A 720 -2.43 33.49 -4.44
C HIS A 720 -2.78 32.28 -5.29
N GLY A 721 -4.06 31.97 -5.37
CA GLY A 721 -4.41 30.84 -6.22
C GLY A 721 -4.74 29.60 -5.43
N ASP A 722 -4.68 28.45 -6.09
CA ASP A 722 -5.00 27.20 -5.43
C ASP A 722 -3.87 26.81 -4.45
N ARG A 723 -4.24 26.43 -3.24
CA ARG A 723 -3.26 26.01 -2.21
C ARG A 723 -3.16 24.48 -2.12
N SER A 724 -1.93 24.02 -1.84
CA SER A 724 -1.63 22.64 -1.60
C SER A 724 -2.41 22.26 -0.36
N GLY A 725 -2.76 20.98 -0.26
CA GLY A 725 -3.51 20.53 0.88
C GLY A 725 -3.21 19.04 1.06
N ALA A 726 -4.06 18.35 1.80
CA ALA A 726 -3.85 16.92 2.05
C ALA A 726 -3.78 16.16 0.70
N TYR A 727 -4.56 16.61 -0.27
CA TYR A 727 -4.59 15.89 -1.56
C TYR A 727 -3.63 16.45 -2.61
N LEU A 728 -3.73 17.76 -2.77
CA LEU A 728 -3.01 18.48 -3.81
C LEU A 728 -1.62 18.96 -3.45
N PHE A 729 -0.72 18.82 -4.40
CA PHE A 729 0.66 19.33 -4.25
C PHE A 729 0.68 20.51 -5.33
N LEU A 730 0.73 21.77 -4.87
CA LEU A 730 0.75 22.95 -5.76
C LEU A 730 1.92 23.83 -5.27
N PRO A 731 3.15 23.40 -5.58
CA PRO A 731 4.34 24.12 -5.17
C PRO A 731 4.47 25.47 -5.80
N ASN A 732 5.00 26.42 -5.03
CA ASN A 732 5.29 27.78 -5.56
C ASN A 732 6.67 27.70 -6.16
N GLY A 733 6.89 26.82 -7.14
CA GLY A 733 8.19 26.67 -7.79
C GLY A 733 9.10 25.53 -7.33
N PRO A 734 10.25 25.31 -7.99
CA PRO A 734 11.17 24.27 -7.59
C PRO A 734 11.57 24.49 -6.14
N ALA A 735 12.07 23.43 -5.52
CA ALA A 735 12.44 23.46 -4.12
C ALA A 735 13.75 24.26 -3.90
N SER A 736 13.89 24.89 -2.73
CA SER A 736 15.08 25.69 -2.36
C SER A 736 15.83 24.94 -1.26
N PRO A 737 17.16 25.00 -1.24
CA PRO A 737 17.95 24.30 -0.21
C PRO A 737 17.60 24.62 1.23
N VAL A 738 17.66 23.63 2.11
CA VAL A 738 17.38 23.88 3.52
C VAL A 738 18.70 24.50 3.98
N GLU A 739 18.66 25.60 4.73
CA GLU A 739 19.94 26.15 5.18
C GLU A 739 20.33 25.31 6.38
N LEU A 740 21.49 24.65 6.23
CA LEU A 740 22.09 23.72 7.20
C LEU A 740 22.90 24.34 8.35
N GLY A 741 23.68 25.40 8.06
CA GLY A 741 24.50 26.02 9.09
C GLY A 741 25.75 25.17 9.25
N GLN A 742 26.19 24.97 10.49
CA GLN A 742 27.35 24.10 10.66
C GLN A 742 26.77 22.98 11.54
N PRO A 743 26.18 21.93 10.90
CA PRO A 743 25.61 20.86 11.72
C PRO A 743 26.64 19.97 12.45
N VAL A 744 26.17 19.32 13.51
CA VAL A 744 26.97 18.41 14.27
C VAL A 744 26.85 17.04 13.58
N VAL A 745 28.01 16.46 13.26
CA VAL A 745 28.11 15.17 12.61
C VAL A 745 28.65 14.15 13.62
N LEU A 746 27.99 12.99 13.73
CA LEU A 746 28.47 11.94 14.62
C LEU A 746 28.89 10.76 13.76
N VAL A 747 30.11 10.28 13.94
CA VAL A 747 30.64 9.15 13.19
C VAL A 747 30.92 7.96 14.08
N THR A 748 30.28 6.83 13.80
CA THR A 748 30.54 5.62 14.60
C THR A 748 31.20 4.57 13.68
N LYS A 749 32.36 4.07 14.06
CA LYS A 749 33.07 3.13 13.23
C LYS A 749 33.27 1.83 13.93
N GLY A 750 32.70 0.78 13.35
CA GLY A 750 32.78 -0.52 13.95
C GLY A 750 33.11 -1.56 12.92
N LYS A 751 33.47 -2.74 13.40
CA LYS A 751 33.81 -3.81 12.51
C LYS A 751 32.61 -4.38 11.73
N LEU A 752 31.46 -4.39 12.38
CA LEU A 752 30.22 -4.92 11.77
C LEU A 752 29.27 -3.85 11.22
N GLU A 753 29.27 -2.69 11.86
CA GLU A 753 28.39 -1.60 11.47
C GLU A 753 28.97 -0.22 11.74
N SER A 754 28.93 0.66 10.76
CA SER A 754 29.40 2.01 10.95
C SER A 754 28.31 2.95 10.51
N SER A 755 28.40 4.19 10.96
CA SER A 755 27.41 5.13 10.50
C SER A 755 27.86 6.55 10.59
N VAL A 756 27.15 7.43 9.88
CA VAL A 756 27.44 8.86 9.91
C VAL A 756 26.06 9.46 10.07
N SER A 757 25.88 10.23 11.13
CA SER A 757 24.60 10.87 11.43
C SER A 757 24.78 12.36 11.56
N VAL A 758 23.80 13.10 11.09
CA VAL A 758 23.89 14.56 11.22
C VAL A 758 22.56 15.21 11.57
N GLY A 759 22.60 16.16 12.48
CA GLY A 759 21.42 16.84 12.90
C GLY A 759 21.16 18.06 12.05
N LEU A 760 20.23 17.96 11.11
CA LEU A 760 19.85 19.05 10.21
C LEU A 760 18.55 19.66 10.75
N PRO A 761 18.18 20.87 10.26
CA PRO A 761 16.93 21.49 10.73
C PRO A 761 15.80 20.56 10.26
N SER A 762 14.91 20.15 11.18
CA SER A 762 13.81 19.23 10.84
C SER A 762 14.17 17.76 10.61
N VAL A 763 15.45 17.44 10.47
CA VAL A 763 15.80 16.06 10.15
C VAL A 763 17.09 15.53 10.72
N VAL A 764 17.06 14.39 11.39
CA VAL A 764 18.36 13.82 11.82
C VAL A 764 18.57 12.78 10.73
N HIS A 765 19.61 12.96 9.93
CA HIS A 765 19.82 12.06 8.79
C HIS A 765 20.97 11.12 9.12
N GLN A 766 20.80 9.82 8.84
CA GLN A 766 21.82 8.86 9.17
C GLN A 766 22.09 7.89 8.03
N THR A 767 23.36 7.64 7.78
CA THR A 767 23.75 6.68 6.74
C THR A 767 24.44 5.58 7.48
N ILE A 768 23.88 4.36 7.37
CA ILE A 768 24.37 3.19 8.05
C ILE A 768 24.94 2.15 7.09
N MET A 769 26.11 1.65 7.44
CA MET A 769 26.85 0.68 6.65
C MET A 769 27.10 -0.59 7.40
N ARG A 770 26.75 -1.68 6.73
CA ARG A 770 26.95 -3.01 7.29
C ARG A 770 27.73 -3.85 6.31
N GLY A 771 28.24 -3.21 5.26
CA GLY A 771 29.05 -3.95 4.31
C GLY A 771 28.42 -4.19 2.94
N GLY A 772 27.16 -3.78 2.77
CA GLY A 772 26.51 -3.91 1.48
C GLY A 772 25.94 -2.54 1.19
N ALA A 773 24.82 -2.48 0.50
CA ALA A 773 24.17 -1.21 0.23
C ALA A 773 23.90 -0.55 1.59
N PRO A 774 24.13 0.75 1.69
CA PRO A 774 23.87 1.39 2.99
C PRO A 774 22.35 1.54 3.25
N GLU A 775 22.03 1.83 4.50
CA GLU A 775 20.66 2.04 4.91
C GLU A 775 20.67 3.50 5.32
N ILE A 776 19.60 4.19 4.97
CA ILE A 776 19.46 5.56 5.32
C ILE A 776 18.24 5.68 6.24
N ARG A 777 18.37 6.43 7.33
CA ARG A 777 17.22 6.65 8.22
C ARG A 777 17.07 8.17 8.44
N ASN A 778 15.84 8.71 8.33
CA ASN A 778 15.59 10.13 8.58
C ASN A 778 14.59 10.24 9.69
N LEU A 779 14.95 10.93 10.77
CA LEU A 779 14.05 11.15 11.86
C LEU A 779 13.55 12.55 11.46
N VAL A 780 12.36 12.63 10.88
CA VAL A 780 11.76 13.86 10.38
C VAL A 780 10.76 14.52 11.35
N ASP A 781 11.02 15.77 11.74
CA ASP A 781 10.11 16.49 12.62
C ASP A 781 9.98 17.86 12.01
N ILE A 782 8.95 18.06 11.22
CA ILE A 782 8.76 19.31 10.52
C ILE A 782 8.44 20.40 11.53
N GLY A 783 8.14 20.01 12.76
CA GLY A 783 7.92 21.02 13.80
C GLY A 783 6.82 22.00 13.46
N SER A 784 7.10 23.29 13.53
CA SER A 784 6.05 24.23 13.19
C SER A 784 6.31 24.95 11.88
N LEU A 785 6.96 24.27 10.93
CA LEU A 785 7.24 24.87 9.61
C LEU A 785 5.97 24.85 8.73
N ASP A 786 5.02 25.72 9.03
CA ASP A 786 3.79 25.81 8.26
C ASP A 786 4.02 26.05 6.77
N ASN A 787 3.14 25.49 5.94
CA ASN A 787 3.22 25.63 4.49
C ASN A 787 4.57 25.27 3.91
N THR A 788 5.09 24.15 4.36
CA THR A 788 6.40 23.62 3.98
C THR A 788 6.35 22.12 3.62
N GLU A 789 7.10 21.67 2.61
CA GLU A 789 7.18 20.24 2.29
C GLU A 789 8.69 19.99 2.22
N ILE A 790 9.18 19.02 2.99
CA ILE A 790 10.62 18.72 3.05
C ILE A 790 10.92 17.54 2.12
N VAL A 791 11.81 17.78 1.18
CA VAL A 791 12.16 16.77 0.23
C VAL A 791 13.57 16.34 0.35
N MET A 792 13.80 15.05 0.13
CA MET A 792 15.16 14.52 0.20
C MET A 792 15.51 14.18 -1.22
N ARG A 793 16.61 14.76 -1.73
CA ARG A 793 17.08 14.55 -3.09
C ARG A 793 18.45 13.96 -3.18
N LEU A 794 18.62 13.14 -4.20
CA LEU A 794 19.89 12.51 -4.56
C LEU A 794 20.34 13.12 -5.88
N GLU A 795 21.56 13.69 -5.95
CA GLU A 795 22.05 14.29 -7.20
C GLU A 795 23.19 13.43 -7.69
N THR A 796 23.03 12.86 -8.88
CA THR A 796 24.08 12.05 -9.47
C THR A 796 24.36 12.59 -10.89
N HIS A 797 25.32 11.97 -11.56
CA HIS A 797 25.63 12.36 -12.96
C HIS A 797 25.26 11.20 -13.87
N ILE A 798 24.32 10.36 -13.41
CA ILE A 798 23.84 9.26 -14.21
C ILE A 798 23.05 9.93 -15.38
N ASP A 799 23.33 9.50 -16.60
CA ASP A 799 22.68 10.09 -17.78
C ASP A 799 21.28 9.47 -17.95
N SER A 800 20.36 9.83 -17.06
CA SER A 800 19.05 9.19 -17.11
C SER A 800 18.13 9.91 -18.06
N GLY A 801 18.45 11.16 -18.37
CA GLY A 801 17.62 11.91 -19.28
C GLY A 801 16.29 12.30 -18.65
N ASP A 802 15.16 11.87 -19.23
CA ASP A 802 13.86 12.20 -18.64
C ASP A 802 13.13 10.93 -18.18
N ILE A 803 13.88 9.86 -18.10
CA ILE A 803 13.35 8.58 -17.72
C ILE A 803 13.61 8.21 -16.28
N PHE A 804 12.64 7.57 -15.65
CA PHE A 804 12.86 7.05 -14.31
C PHE A 804 11.91 5.92 -14.02
N TYR A 805 12.07 5.28 -12.89
CA TYR A 805 11.21 4.16 -12.62
C TYR A 805 10.66 4.22 -11.17
N THR A 806 9.39 3.88 -11.00
CA THR A 806 8.77 3.83 -9.70
C THR A 806 7.97 2.50 -9.59
N ASP A 807 7.66 2.03 -8.36
CA ASP A 807 6.88 0.80 -8.27
C ASP A 807 5.39 1.09 -8.08
N LEU A 808 4.60 0.08 -8.40
CA LEU A 808 3.16 0.15 -8.17
C LEU A 808 2.86 -0.92 -7.08
N ASN A 809 2.42 -0.44 -5.92
CA ASN A 809 2.03 -1.30 -4.78
C ASN A 809 3.04 -2.35 -4.33
N GLY A 810 4.36 -2.11 -4.48
CA GLY A 810 5.36 -3.09 -4.11
C GLY A 810 5.32 -4.34 -4.97
N LEU A 811 4.68 -4.24 -6.13
CA LEU A 811 4.50 -5.40 -6.95
C LEU A 811 5.26 -5.42 -8.26
N GLN A 812 5.47 -4.25 -8.86
CA GLN A 812 6.08 -4.16 -10.19
C GLN A 812 6.62 -2.74 -10.34
N PHE A 813 7.56 -2.59 -11.26
CA PHE A 813 8.18 -1.29 -11.51
C PHE A 813 7.76 -0.83 -12.89
N ILE A 814 7.32 0.41 -12.97
CA ILE A 814 6.85 0.94 -14.22
C ILE A 814 7.74 2.08 -14.68
N LYS A 815 7.97 2.14 -15.99
CA LYS A 815 8.79 3.21 -16.56
C LYS A 815 8.03 4.54 -16.55
N ARG A 816 8.66 5.62 -16.05
CA ARG A 816 8.06 6.95 -16.06
C ARG A 816 8.93 7.82 -17.02
N ARG A 817 8.29 8.82 -17.62
CA ARG A 817 9.00 9.78 -18.47
C ARG A 817 8.57 11.13 -17.95
N ARG A 818 9.55 11.91 -17.50
CA ARG A 818 9.30 13.25 -16.99
C ARG A 818 8.86 14.03 -18.25
N LEU A 819 7.79 14.81 -18.16
CA LEU A 819 7.27 15.60 -19.30
C LEU A 819 7.22 17.07 -18.95
N ASP A 820 8.01 17.88 -19.63
CA ASP A 820 7.97 19.31 -19.33
C ASP A 820 6.70 19.98 -19.76
N LYS A 821 5.90 19.33 -20.58
CA LYS A 821 4.60 19.93 -20.92
C LYS A 821 3.61 19.88 -19.74
N LEU A 822 4.01 19.15 -18.67
CA LEU A 822 3.20 19.03 -17.45
C LEU A 822 3.90 19.75 -16.30
N PRO A 823 3.13 20.38 -15.41
CA PRO A 823 3.78 21.08 -14.29
C PRO A 823 4.53 20.08 -13.36
N LEU A 824 5.39 20.63 -12.50
CA LEU A 824 6.20 19.83 -11.60
C LEU A 824 5.37 18.75 -10.84
N GLN A 825 4.25 19.16 -10.23
CA GLN A 825 3.42 18.26 -9.42
C GLN A 825 2.83 17.08 -10.20
N ALA A 826 2.80 17.22 -11.54
CA ALA A 826 2.24 16.15 -12.33
C ALA A 826 3.31 15.16 -12.57
N ASN A 827 4.56 15.56 -12.38
CA ASN A 827 5.64 14.62 -12.58
C ASN A 827 6.01 13.84 -11.30
N TYR A 828 5.24 14.09 -10.24
CA TYR A 828 5.43 13.34 -8.98
C TYR A 828 4.55 12.09 -9.15
N TYR A 829 5.06 10.99 -8.62
CA TYR A 829 4.38 9.71 -8.67
C TYR A 829 4.49 9.03 -7.32
N PRO A 830 3.66 8.00 -7.12
CA PRO A 830 3.68 7.22 -5.86
C PRO A 830 5.01 6.47 -5.81
N ILE A 831 5.68 6.46 -4.65
CA ILE A 831 6.90 5.65 -4.47
C ILE A 831 6.49 4.70 -3.27
N PRO A 832 5.64 3.71 -3.58
CA PRO A 832 5.24 2.83 -2.48
C PRO A 832 6.32 1.95 -1.86
N SER A 833 7.40 1.59 -2.60
CA SER A 833 8.49 0.80 -2.08
C SER A 833 9.84 1.02 -2.77
N GLY A 834 9.84 1.71 -3.92
CA GLY A 834 11.10 1.91 -4.58
C GLY A 834 11.06 2.76 -5.84
N MET A 835 12.23 3.27 -6.21
CA MET A 835 12.39 4.07 -7.44
C MET A 835 13.84 3.94 -7.89
N PHE A 836 14.08 4.09 -9.20
CA PHE A 836 15.46 4.03 -9.71
C PHE A 836 15.67 4.79 -11.02
N ILE A 837 16.93 5.16 -11.28
CA ILE A 837 17.33 5.83 -12.53
C ILE A 837 18.55 5.11 -13.00
N GLU A 838 18.74 5.11 -14.31
CA GLU A 838 19.87 4.41 -14.90
C GLU A 838 20.18 4.94 -16.29
N ASP A 839 21.44 4.72 -16.68
CA ASP A 839 21.89 5.03 -18.02
C ASP A 839 22.46 3.71 -18.46
N ALA A 840 23.27 3.72 -19.51
CA ALA A 840 23.83 2.49 -20.04
C ALA A 840 24.68 1.69 -19.06
N ASN A 841 25.34 2.35 -18.10
CA ASN A 841 26.22 1.56 -17.24
C ASN A 841 25.89 1.58 -15.74
N THR A 842 25.23 2.64 -15.32
CA THR A 842 24.98 2.81 -13.91
C THR A 842 23.53 2.96 -13.50
N ARG A 843 23.18 2.32 -12.38
CA ARG A 843 21.83 2.45 -11.83
C ARG A 843 21.91 2.83 -10.33
N LEU A 844 21.01 3.70 -9.85
CA LEU A 844 20.96 4.03 -8.45
C LEU A 844 19.50 3.72 -8.10
N THR A 845 19.29 2.81 -7.14
CA THR A 845 17.90 2.46 -6.75
C THR A 845 17.70 2.87 -5.29
N LEU A 846 16.56 3.51 -4.98
CA LEU A 846 16.33 3.90 -3.60
C LEU A 846 15.11 3.08 -3.14
N LEU A 847 15.29 2.21 -2.15
CA LEU A 847 14.16 1.37 -1.66
C LEU A 847 13.61 2.05 -0.40
N THR A 848 12.29 1.98 -0.18
CA THR A 848 11.71 2.63 0.98
C THR A 848 10.99 1.61 1.90
N GLY A 849 10.89 1.97 3.18
CA GLY A 849 10.15 1.18 4.15
C GLY A 849 8.78 1.81 4.38
N GLN A 850 8.40 2.77 3.52
CA GLN A 850 7.10 3.46 3.65
C GLN A 850 6.77 4.17 2.34
N PRO A 851 5.47 4.23 1.95
CA PRO A 851 5.08 4.91 0.70
C PRO A 851 5.18 6.44 0.85
N LEU A 852 5.83 7.10 -0.13
CA LEU A 852 5.95 8.56 -0.11
C LEU A 852 5.87 9.01 -1.58
N GLY A 853 5.72 10.32 -1.81
CA GLY A 853 5.69 10.85 -3.17
C GLY A 853 7.09 11.16 -3.70
N GLY A 854 7.31 11.05 -5.00
CA GLY A 854 8.68 11.33 -5.45
C GLY A 854 8.82 11.52 -6.95
N SER A 855 10.06 11.80 -7.46
CA SER A 855 10.22 12.04 -8.92
C SER A 855 11.69 12.08 -9.31
N SER A 856 11.95 12.35 -10.60
CA SER A 856 13.31 12.60 -11.13
C SER A 856 13.04 13.89 -11.95
N LEU A 857 13.32 15.05 -11.33
CA LEU A 857 12.99 16.32 -11.99
C LEU A 857 14.03 16.79 -12.95
N ALA A 858 15.13 16.07 -12.98
CA ALA A 858 16.23 16.37 -13.88
C ALA A 858 17.10 15.12 -14.03
N SER A 859 17.72 14.98 -15.20
CA SER A 859 18.63 13.91 -15.45
C SER A 859 19.60 13.70 -14.26
N GLY A 860 19.73 12.43 -13.85
CA GLY A 860 20.55 11.97 -12.74
C GLY A 860 20.04 12.25 -11.32
N GLU A 861 18.82 12.73 -11.17
CA GLU A 861 18.28 13.07 -9.84
C GLU A 861 17.16 12.10 -9.41
N LEU A 862 17.03 11.89 -8.11
CA LEU A 862 15.91 11.11 -7.56
C LEU A 862 15.51 11.92 -6.38
N GLU A 863 14.21 12.11 -6.13
CA GLU A 863 13.86 12.86 -4.93
C GLU A 863 12.61 12.29 -4.34
N ILE A 864 12.51 12.35 -3.00
CA ILE A 864 11.33 11.78 -2.34
C ILE A 864 10.94 12.64 -1.17
N MET A 865 9.65 12.94 -1.09
CA MET A 865 9.13 13.86 -0.08
C MET A 865 9.12 13.19 1.26
N GLN A 866 9.51 13.92 2.31
CA GLN A 866 9.58 13.35 3.66
C GLN A 866 8.37 13.70 4.52
N ASP A 867 7.89 14.94 4.44
CA ASP A 867 6.72 15.35 5.19
C ASP A 867 6.22 16.67 4.66
N ARG A 868 4.97 17.01 4.99
CA ARG A 868 4.43 18.24 4.48
C ARG A 868 3.46 18.77 5.52
N ARG A 869 3.62 20.07 5.83
CA ARG A 869 2.72 20.74 6.81
C ARG A 869 2.00 21.88 6.02
N LEU A 870 0.67 21.77 5.87
CA LEU A 870 -0.10 22.71 5.05
C LEU A 870 -1.16 23.45 5.84
N ALA A 871 -1.11 24.78 5.85
CA ALA A 871 -2.11 25.48 6.65
C ALA A 871 -3.43 25.77 6.01
N SER A 872 -3.65 25.36 4.76
CA SER A 872 -4.93 25.65 4.07
C SER A 872 -5.61 24.39 3.57
N ASP A 873 -6.92 24.49 3.34
CA ASP A 873 -7.73 23.36 2.82
C ASP A 873 -7.61 23.39 1.31
N ASP A 874 -7.63 22.23 0.65
CA ASP A 874 -7.47 22.26 -0.79
C ASP A 874 -8.74 21.96 -1.59
N GLU A 875 -9.88 22.28 -0.94
CA GLU A 875 -11.21 22.20 -1.57
C GLU A 875 -11.66 20.85 -2.13
N ARG A 876 -11.31 19.75 -1.50
CA ARG A 876 -11.76 18.45 -1.98
C ARG A 876 -12.65 17.80 -0.95
N GLY A 877 -13.14 18.63 -0.04
CA GLY A 877 -14.11 18.22 0.95
C GLY A 877 -13.57 17.92 2.34
N LEU A 878 -12.26 17.86 2.50
CA LEU A 878 -11.68 17.57 3.81
C LEU A 878 -11.97 18.71 4.82
N GLY A 879 -11.97 19.98 4.35
CA GLY A 879 -12.27 21.08 5.26
C GLY A 879 -11.20 21.44 6.32
N GLN A 880 -9.95 21.14 6.03
CA GLN A 880 -8.89 21.45 6.98
C GLN A 880 -7.56 21.22 6.23
N GLY A 881 -6.47 21.75 6.76
CA GLY A 881 -5.16 21.56 6.15
C GLY A 881 -4.55 20.38 6.90
N VAL A 882 -3.21 20.26 6.84
CA VAL A 882 -2.47 19.18 7.51
C VAL A 882 -1.53 19.86 8.50
N LEU A 883 -1.94 19.88 9.75
CA LEU A 883 -1.20 20.55 10.81
C LEU A 883 -1.07 19.63 12.02
N ASP A 884 -1.23 18.34 11.79
CA ASP A 884 -1.10 17.38 12.86
C ASP A 884 0.17 16.54 12.74
N ASN A 885 1.20 17.06 12.06
CA ASN A 885 2.46 16.33 11.89
C ASN A 885 3.11 15.84 13.18
N LYS A 886 3.82 14.72 13.09
CA LYS A 886 4.54 14.20 14.26
C LYS A 886 5.82 13.54 13.81
N PRO A 887 6.80 13.47 14.70
CA PRO A 887 8.08 12.85 14.36
C PRO A 887 7.88 11.42 13.80
N VAL A 888 8.60 11.12 12.72
CA VAL A 888 8.51 9.84 12.08
C VAL A 888 9.90 9.47 11.64
N LEU A 889 10.23 8.19 11.79
CA LEU A 889 11.51 7.62 11.33
C LEU A 889 11.32 6.90 9.97
N HIS A 890 11.79 7.53 8.89
CA HIS A 890 11.71 6.97 7.54
C HIS A 890 12.98 6.15 7.30
N ILE A 891 12.85 5.01 6.64
CA ILE A 891 14.02 4.14 6.40
C ILE A 891 14.15 3.82 4.90
N TYR A 892 15.37 3.58 4.45
CA TYR A 892 15.58 3.33 3.03
C TYR A 892 16.82 2.49 2.89
N ARG A 893 17.04 1.97 1.67
CA ARG A 893 18.30 1.29 1.37
C ARG A 893 18.69 2.02 0.06
N LEU A 894 19.98 2.27 -0.14
CA LEU A 894 20.45 3.00 -1.33
C LEU A 894 21.40 2.05 -2.01
N VAL A 895 21.09 1.67 -3.24
CA VAL A 895 21.87 0.70 -4.00
C VAL A 895 22.45 1.32 -5.32
N LEU A 896 23.76 1.52 -5.37
CA LEU A 896 24.43 2.01 -6.58
C LEU A 896 24.99 0.75 -7.26
N GLU A 897 24.70 0.57 -8.54
CA GLU A 897 25.16 -0.66 -9.21
C GLU A 897 25.57 -0.46 -10.66
N LYS A 898 26.47 -1.30 -11.15
CA LYS A 898 26.84 -1.26 -12.57
C LYS A 898 25.83 -2.15 -13.25
N VAL A 899 25.26 -1.70 -14.35
CA VAL A 899 24.25 -2.54 -14.98
C VAL A 899 24.49 -2.73 -16.49
N ASN A 900 25.70 -2.39 -16.96
CA ASN A 900 25.95 -2.57 -18.39
C ASN A 900 25.94 -4.04 -18.79
N ASN A 901 26.20 -4.93 -17.85
CA ASN A 901 26.17 -6.36 -18.11
C ASN A 901 24.81 -6.98 -17.85
N CYS A 902 23.81 -6.21 -17.41
CA CYS A 902 22.52 -6.86 -17.14
C CYS A 902 21.67 -6.99 -18.38
N VAL A 903 20.91 -8.05 -18.45
CA VAL A 903 20.03 -8.21 -19.60
C VAL A 903 18.76 -7.39 -19.29
N ARG A 904 18.68 -6.20 -19.88
CA ARG A 904 17.52 -5.31 -19.64
C ARG A 904 16.45 -5.32 -20.72
N PRO A 905 15.25 -4.80 -20.39
CA PRO A 905 14.22 -4.80 -21.43
C PRO A 905 14.61 -3.77 -22.50
N SER A 906 14.01 -3.92 -23.67
CA SER A 906 14.28 -2.99 -24.75
C SER A 906 13.80 -1.59 -24.38
N LYS A 907 14.22 -0.62 -25.20
CA LYS A 907 13.87 0.79 -25.01
C LYS A 907 12.39 1.06 -25.06
N LEU A 908 11.68 0.15 -25.71
CA LEU A 908 10.25 0.29 -25.85
C LEU A 908 9.38 -0.38 -24.78
N HIS A 909 9.98 -1.21 -23.94
CA HIS A 909 9.26 -1.96 -22.92
C HIS A 909 8.86 -0.97 -21.80
N PRO A 910 7.60 -1.05 -21.36
CA PRO A 910 7.12 -0.14 -20.31
C PRO A 910 7.45 -0.51 -18.86
N ALA A 911 8.09 -1.68 -18.67
CA ALA A 911 8.46 -2.13 -17.33
C ALA A 911 9.97 -2.06 -17.07
N GLY A 912 10.34 -2.18 -15.80
CA GLY A 912 11.74 -2.21 -15.40
C GLY A 912 11.81 -3.28 -14.31
N TYR A 913 12.99 -3.79 -13.97
CA TYR A 913 13.05 -4.84 -12.92
C TYR A 913 14.23 -4.59 -12.04
N LEU A 914 14.17 -5.07 -10.82
CA LEU A 914 15.27 -4.87 -9.87
C LEU A 914 16.30 -5.96 -10.07
N THR A 915 17.48 -5.67 -9.52
CA THR A 915 18.53 -6.66 -9.49
C THR A 915 18.31 -7.38 -8.20
N SER A 916 19.05 -8.46 -8.02
CA SER A 916 18.97 -9.25 -6.80
C SER A 916 19.27 -8.42 -5.55
N ALA A 917 20.34 -7.63 -5.60
CA ALA A 917 20.70 -6.83 -4.42
C ALA A 917 19.63 -5.81 -4.05
N ALA A 918 18.98 -5.20 -5.05
CA ALA A 918 17.98 -4.21 -4.70
C ALA A 918 16.71 -4.90 -4.17
N HIS A 919 16.41 -6.06 -4.73
CA HIS A 919 15.26 -6.79 -4.27
C HIS A 919 15.49 -7.23 -2.79
N LYS A 920 16.66 -7.82 -2.49
CA LYS A 920 16.95 -8.20 -1.10
C LYS A 920 16.96 -6.95 -0.18
N ALA A 921 17.42 -5.85 -0.72
CA ALA A 921 17.45 -4.61 0.08
C ALA A 921 15.97 -4.21 0.40
N SER A 922 15.03 -4.32 -0.57
CA SER A 922 13.63 -3.96 -0.31
C SER A 922 13.12 -4.94 0.78
N GLN A 923 13.44 -6.23 0.66
CA GLN A 923 13.00 -7.23 1.65
C GLN A 923 13.50 -6.94 3.09
N SER A 924 14.74 -6.45 3.19
CA SER A 924 15.32 -6.17 4.49
C SER A 924 14.56 -5.00 5.17
N LEU A 925 13.98 -4.11 4.37
CA LEU A 925 13.16 -3.02 4.87
C LEU A 925 11.73 -3.45 5.20
N LEU A 926 11.11 -4.24 4.32
CA LEU A 926 9.69 -4.57 4.54
C LEU A 926 9.47 -5.79 5.43
N ASP A 927 10.40 -6.73 5.35
CA ASP A 927 10.23 -7.94 6.17
C ASP A 927 11.48 -8.34 6.89
N PRO A 928 11.93 -7.51 7.84
CA PRO A 928 13.15 -7.89 8.57
C PRO A 928 12.92 -9.06 9.50
N LEU A 929 14.02 -9.56 10.09
CA LEU A 929 13.91 -10.59 11.13
C LEU A 929 13.16 -9.91 12.31
N ASP A 930 12.29 -10.67 12.95
CA ASP A 930 11.59 -10.18 14.15
C ASP A 930 12.49 -10.61 15.36
N LYS A 931 12.46 -9.83 16.44
CA LYS A 931 13.27 -10.11 17.59
C LYS A 931 12.44 -10.25 18.84
N PHE A 932 12.68 -11.31 19.62
CA PHE A 932 11.92 -11.55 20.84
C PHE A 932 12.90 -11.66 21.99
N ILE A 933 12.60 -11.05 23.13
CA ILE A 933 13.46 -11.13 24.33
C ILE A 933 12.67 -11.96 25.33
N PHE A 934 13.30 -13.01 25.85
CA PHE A 934 12.60 -13.83 26.83
C PHE A 934 12.33 -12.97 28.07
N ALA A 935 11.08 -12.90 28.48
CA ALA A 935 10.75 -11.99 29.56
C ALA A 935 11.10 -12.41 30.97
N GLU A 936 11.03 -13.69 31.31
CA GLU A 936 11.33 -14.17 32.67
C GLU A 936 12.83 -14.49 32.85
N ASN A 937 13.22 -14.87 34.06
CA ASN A 937 14.65 -15.13 34.29
C ASN A 937 15.20 -16.37 33.59
N GLU A 938 14.40 -17.43 33.55
CA GLU A 938 14.85 -18.68 33.01
C GLU A 938 13.81 -19.34 32.14
N TRP A 939 14.23 -19.74 30.95
CA TRP A 939 13.30 -20.39 30.01
C TRP A 939 13.55 -21.90 30.09
N ILE A 940 12.70 -22.62 30.81
CA ILE A 940 12.88 -24.05 30.92
C ILE A 940 12.47 -24.78 29.64
N GLY A 941 13.33 -25.65 29.11
CA GLY A 941 12.99 -26.42 27.91
C GLY A 941 13.28 -25.73 26.59
N ALA A 942 13.97 -24.59 26.67
CA ALA A 942 14.31 -23.81 25.47
C ALA A 942 14.99 -24.67 24.42
N GLN A 943 14.67 -24.46 23.13
CA GLN A 943 15.31 -25.18 22.05
C GLN A 943 15.97 -24.17 21.14
N GLY A 944 16.98 -24.61 20.45
CA GLY A 944 17.73 -23.66 19.69
C GLY A 944 17.29 -23.25 18.32
N GLN A 945 16.41 -23.99 17.69
CA GLN A 945 16.05 -23.62 16.33
C GLN A 945 14.70 -24.26 15.91
N PHE A 946 14.04 -23.60 14.97
CA PHE A 946 12.80 -24.15 14.40
C PHE A 946 12.87 -23.94 12.92
N GLY A 947 12.54 -24.97 12.16
CA GLY A 947 12.48 -24.83 10.73
C GLY A 947 13.72 -25.10 9.94
N GLY A 948 14.65 -25.80 10.57
CA GLY A 948 15.90 -26.10 9.91
C GLY A 948 15.68 -26.99 8.72
N ASP A 949 14.55 -27.68 8.70
CA ASP A 949 14.21 -28.57 7.60
C ASP A 949 13.33 -27.91 6.53
N HIS A 950 12.94 -26.65 6.75
CA HIS A 950 12.14 -25.95 5.72
C HIS A 950 13.03 -25.73 4.49
N PRO A 951 12.47 -25.86 3.27
CA PRO A 951 13.21 -25.66 2.02
C PRO A 951 13.58 -24.20 1.87
N SER A 952 14.80 -23.92 1.41
CA SER A 952 15.23 -22.53 1.22
C SER A 952 15.04 -22.28 -0.26
N ALA A 953 13.89 -21.67 -0.59
CA ALA A 953 13.47 -21.39 -1.97
C ALA A 953 14.27 -20.33 -2.71
N ARG A 954 14.24 -20.40 -4.05
CA ARG A 954 14.97 -19.47 -4.87
C ARG A 954 14.70 -18.03 -4.44
N GLU A 955 15.69 -17.15 -4.58
CA GLU A 955 15.54 -15.78 -4.08
C GLU A 955 14.39 -14.91 -4.62
N ASP A 956 13.93 -15.15 -5.84
CA ASP A 956 12.84 -14.33 -6.36
C ASP A 956 11.48 -14.86 -5.87
N LEU A 957 11.46 -15.97 -5.10
CA LEU A 957 10.15 -16.50 -4.68
C LEU A 957 9.83 -16.13 -3.23
N ASP A 958 8.59 -15.73 -2.97
CA ASP A 958 8.26 -15.42 -1.58
C ASP A 958 6.96 -16.12 -1.18
N VAL A 959 6.81 -16.51 0.10
CA VAL A 959 5.54 -17.04 0.59
C VAL A 959 4.92 -15.77 1.27
N SER A 960 4.17 -15.00 0.48
CA SER A 960 3.56 -13.72 0.89
C SER A 960 2.61 -13.92 2.06
N VAL A 961 1.87 -15.01 2.00
CA VAL A 961 0.95 -15.32 3.06
C VAL A 961 0.97 -16.80 3.41
N MET A 962 0.83 -17.06 4.70
CA MET A 962 0.66 -18.43 5.20
C MET A 962 -0.42 -18.24 6.24
N ARG A 963 -1.57 -18.89 6.05
CA ARG A 963 -2.68 -18.72 6.99
C ARG A 963 -3.46 -19.98 7.22
N ARG A 964 -3.56 -20.44 8.49
CA ARG A 964 -4.37 -21.62 8.80
C ARG A 964 -5.81 -21.11 8.66
N LEU A 965 -6.62 -21.83 7.88
CA LEU A 965 -7.97 -21.39 7.57
C LEU A 965 -9.07 -22.09 8.39
N THR A 966 -8.67 -23.06 9.21
CA THR A 966 -9.63 -23.83 10.04
C THR A 966 -9.34 -23.71 11.49
N LYS A 967 -10.40 -23.77 12.28
CA LYS A 967 -10.26 -23.73 13.72
C LYS A 967 -9.92 -25.15 14.18
N SER A 968 -9.53 -25.31 15.43
CA SER A 968 -9.07 -26.63 15.92
C SER A 968 -10.10 -27.75 15.90
N SER A 969 -11.37 -27.43 16.07
CA SER A 969 -12.36 -28.53 16.09
C SER A 969 -12.58 -29.18 14.70
N ALA A 970 -12.03 -28.59 13.63
CA ALA A 970 -12.22 -29.15 12.32
C ALA A 970 -11.40 -30.41 12.08
N LYS A 971 -12.08 -31.48 11.68
CA LYS A 971 -11.40 -32.76 11.41
C LYS A 971 -10.32 -32.59 10.33
N THR A 972 -10.67 -31.90 9.26
CA THR A 972 -9.71 -31.69 8.20
C THR A 972 -9.15 -30.27 8.32
N GLN A 973 -7.88 -30.15 8.70
CA GLN A 973 -7.28 -28.82 8.84
C GLN A 973 -6.90 -28.30 7.47
N ARG A 974 -7.00 -26.99 7.31
CA ARG A 974 -6.64 -26.41 6.02
C ARG A 974 -5.71 -25.22 6.25
N VAL A 975 -4.66 -25.20 5.46
CA VAL A 975 -3.71 -24.09 5.50
C VAL A 975 -3.54 -23.48 4.11
N GLY A 976 -3.72 -22.15 4.04
CA GLY A 976 -3.57 -21.46 2.77
C GLY A 976 -2.24 -20.71 2.62
N TYR A 977 -1.72 -20.74 1.40
CA TYR A 977 -0.48 -20.08 1.04
C TYR A 977 -0.63 -19.22 -0.21
N VAL A 978 -0.07 -18.02 -0.16
CA VAL A 978 -0.05 -17.15 -1.37
C VAL A 978 1.45 -17.12 -1.71
N LEU A 979 1.79 -17.58 -2.92
CA LEU A 979 3.15 -17.63 -3.40
C LEU A 979 3.36 -16.57 -4.47
N HIS A 980 4.38 -15.73 -4.32
CA HIS A 980 4.63 -14.72 -5.33
C HIS A 980 6.05 -14.81 -5.87
N ARG A 981 6.18 -14.83 -7.19
CA ARG A 981 7.54 -14.81 -7.72
C ARG A 981 7.73 -13.49 -8.48
N THR A 982 8.75 -12.72 -8.10
CA THR A 982 9.04 -11.46 -8.78
C THR A 982 9.95 -11.77 -9.98
N ASN A 983 10.51 -10.77 -10.63
CA ASN A 983 11.44 -11.05 -11.74
C ASN A 983 12.68 -10.18 -11.52
N LEU A 984 13.82 -10.84 -11.37
CA LEU A 984 15.09 -10.18 -11.14
C LEU A 984 15.96 -10.21 -12.41
N MET A 985 16.63 -9.10 -12.71
CA MET A 985 17.50 -9.03 -13.88
C MET A 985 18.66 -9.98 -13.84
N GLN A 986 18.98 -10.51 -15.00
CA GLN A 986 20.11 -11.42 -15.19
C GLN A 986 21.31 -10.52 -15.39
N CYS A 987 22.28 -10.56 -14.47
CA CYS A 987 23.44 -9.74 -14.61
C CYS A 987 24.73 -10.52 -14.51
N GLY A 988 24.66 -11.82 -14.69
CA GLY A 988 25.87 -12.59 -14.64
C GLY A 988 26.35 -13.11 -13.30
N THR A 989 25.46 -13.27 -12.36
CA THR A 989 25.89 -13.86 -11.10
C THR A 989 25.09 -15.14 -10.99
N PRO A 990 25.73 -16.29 -11.29
CA PRO A 990 25.02 -17.57 -11.20
C PRO A 990 24.05 -17.60 -9.99
N GLU A 991 24.59 -17.47 -8.77
CA GLU A 991 23.75 -17.54 -7.55
C GLU A 991 22.70 -18.63 -7.80
N GLU A 992 23.08 -19.90 -7.62
CA GLU A 992 22.20 -21.02 -7.89
C GLU A 992 22.03 -21.99 -6.74
N HIS A 993 21.70 -23.24 -7.10
CA HIS A 993 21.45 -24.36 -6.17
C HIS A 993 20.41 -24.11 -5.06
N THR A 994 19.13 -24.31 -5.39
CA THR A 994 18.07 -24.12 -4.40
C THR A 994 16.98 -25.19 -4.46
N GLN A 995 16.41 -25.44 -3.30
CA GLN A 995 15.37 -26.41 -3.15
C GLN A 995 14.08 -25.89 -3.72
N LYS A 996 13.34 -26.81 -4.32
CA LYS A 996 12.04 -26.49 -4.87
C LYS A 996 11.19 -26.41 -3.59
N LEU A 997 10.35 -25.38 -3.50
CA LEU A 997 9.48 -25.24 -2.34
C LEU A 997 8.12 -25.74 -2.75
N ASP A 998 7.62 -26.74 -2.02
CA ASP A 998 6.30 -27.31 -2.25
C ASP A 998 5.54 -26.94 -0.97
N VAL A 999 4.74 -25.87 -0.99
CA VAL A 999 4.04 -25.48 0.25
C VAL A 999 3.06 -26.51 0.83
N CYS A 1000 2.52 -27.36 -0.04
CA CYS A 1000 1.58 -28.37 0.39
C CYS A 1000 2.18 -29.45 1.31
N HIS A 1001 3.50 -29.64 1.26
CA HIS A 1001 4.10 -30.61 2.16
C HIS A 1001 4.81 -29.95 3.37
N LEU A 1002 4.63 -28.65 3.57
CA LEU A 1002 5.24 -27.97 4.73
C LEU A 1002 4.68 -28.49 6.06
N LEU A 1003 3.41 -28.81 6.10
CA LEU A 1003 2.81 -29.36 7.29
C LEU A 1003 2.63 -30.83 7.02
N PRO A 1004 2.73 -31.65 8.07
CA PRO A 1004 2.59 -33.09 7.93
C PRO A 1004 1.15 -33.64 7.71
N ASN A 1005 1.07 -34.89 7.26
CA ASN A 1005 -0.19 -35.58 7.03
C ASN A 1005 -1.06 -34.92 5.96
N VAL A 1006 -0.45 -34.41 4.89
CA VAL A 1006 -1.26 -33.79 3.86
C VAL A 1006 -2.15 -34.83 3.11
N ALA A 1007 -3.44 -34.54 2.97
CA ALA A 1007 -4.37 -35.42 2.28
C ALA A 1007 -4.83 -34.85 0.95
N ARG A 1008 -4.61 -33.55 0.74
CA ARG A 1008 -5.03 -32.92 -0.50
C ARG A 1008 -4.34 -31.58 -0.65
N CYS A 1009 -4.10 -31.20 -1.88
CA CYS A 1009 -3.47 -29.92 -2.20
C CYS A 1009 -4.23 -29.35 -3.40
N GLU A 1010 -4.66 -28.09 -3.26
CA GLU A 1010 -5.44 -27.44 -4.32
C GLU A 1010 -4.92 -26.07 -4.65
N ARG A 1011 -5.05 -25.71 -5.92
CA ARG A 1011 -4.69 -24.34 -6.33
C ARG A 1011 -6.04 -23.65 -6.23
N THR A 1012 -6.03 -22.47 -5.63
CA THR A 1012 -7.25 -21.71 -5.41
C THR A 1012 -7.11 -20.26 -5.88
N THR A 1013 -8.21 -19.52 -5.78
CA THR A 1013 -8.16 -18.08 -6.10
C THR A 1013 -7.30 -17.47 -4.94
N LEU A 1014 -6.81 -16.25 -5.10
CA LEU A 1014 -5.92 -15.69 -4.09
C LEU A 1014 -6.54 -15.43 -2.75
N THR A 1015 -7.87 -15.39 -2.73
CA THR A 1015 -8.63 -15.20 -1.53
C THR A 1015 -8.88 -16.55 -0.83
N PHE A 1016 -8.43 -17.65 -1.45
CA PHE A 1016 -8.66 -19.03 -0.96
C PHE A 1016 -10.13 -19.52 -1.03
N LEU A 1017 -11.00 -18.76 -1.70
CA LEU A 1017 -12.42 -19.06 -1.72
C LEU A 1017 -12.96 -19.96 -2.79
N GLN A 1018 -12.17 -20.29 -3.78
CA GLN A 1018 -12.63 -21.18 -4.82
C GLN A 1018 -11.50 -22.10 -5.24
N ASN A 1019 -11.80 -23.39 -5.32
CA ASN A 1019 -10.79 -24.39 -5.75
C ASN A 1019 -10.72 -24.32 -7.24
N LEU A 1020 -9.51 -24.20 -7.78
CA LEU A 1020 -9.30 -24.06 -9.20
C LEU A 1020 -8.66 -25.30 -9.81
N GLU A 1021 -7.84 -26.02 -9.03
CA GLU A 1021 -7.18 -27.23 -9.57
C GLU A 1021 -6.82 -28.23 -8.48
N HIS A 1022 -7.17 -29.49 -8.67
CA HIS A 1022 -6.82 -30.54 -7.69
C HIS A 1022 -5.38 -30.95 -8.06
N LEU A 1023 -4.44 -30.84 -7.15
CA LEU A 1023 -3.06 -31.12 -7.53
C LEU A 1023 -2.58 -32.51 -7.29
N ASP A 1024 -2.01 -33.08 -8.35
CA ASP A 1024 -1.47 -34.43 -8.36
C ASP A 1024 -0.30 -34.61 -7.42
N GLY A 1025 -0.38 -35.66 -6.63
CA GLY A 1025 0.71 -35.93 -5.70
C GLY A 1025 0.73 -34.91 -4.59
N MET A 1026 -0.35 -34.12 -4.49
CA MET A 1026 -0.42 -33.10 -3.47
C MET A 1026 0.85 -32.25 -3.46
N VAL A 1027 1.40 -31.94 -4.63
CA VAL A 1027 2.60 -31.10 -4.74
C VAL A 1027 2.16 -29.78 -5.35
N ALA A 1028 2.50 -28.64 -4.75
CA ALA A 1028 2.15 -27.33 -5.31
C ALA A 1028 3.30 -26.85 -6.18
N PRO A 1029 3.11 -26.76 -7.51
CA PRO A 1029 4.22 -26.28 -8.34
C PRO A 1029 4.62 -24.84 -8.06
N GLU A 1030 5.81 -24.45 -8.49
CA GLU A 1030 6.25 -23.09 -8.26
C GLU A 1030 5.71 -22.23 -9.42
N VAL A 1031 5.54 -20.94 -9.17
CA VAL A 1031 5.02 -20.04 -10.17
C VAL A 1031 6.06 -19.35 -11.04
N CYS A 1032 5.57 -18.77 -12.14
CA CYS A 1032 6.44 -18.11 -13.08
C CYS A 1032 6.79 -16.74 -12.59
N PRO A 1033 7.80 -16.12 -13.22
CA PRO A 1033 8.24 -14.77 -12.86
C PRO A 1033 7.06 -13.79 -12.99
N MET A 1034 6.87 -12.97 -11.97
CA MET A 1034 5.80 -11.97 -11.91
C MET A 1034 4.43 -12.53 -11.70
N GLU A 1035 4.32 -13.83 -11.47
CA GLU A 1035 3.02 -14.43 -11.25
C GLU A 1035 2.77 -14.68 -9.75
N THR A 1036 1.51 -14.78 -9.34
CA THR A 1036 1.15 -15.01 -7.94
C THR A 1036 0.11 -16.12 -7.97
N ALA A 1037 0.24 -17.10 -7.07
CA ALA A 1037 -0.68 -18.21 -7.00
C ALA A 1037 -1.03 -18.50 -5.55
N ALA A 1038 -2.19 -19.14 -5.33
CA ALA A 1038 -2.60 -19.54 -4.01
C ALA A 1038 -2.88 -21.06 -3.98
N TYR A 1039 -2.52 -21.64 -2.84
CA TYR A 1039 -2.71 -23.08 -2.60
C TYR A 1039 -3.24 -23.30 -1.22
N VAL A 1040 -4.07 -24.34 -1.08
CA VAL A 1040 -4.58 -24.71 0.21
C VAL A 1040 -4.30 -26.19 0.35
N SER A 1041 -3.60 -26.53 1.42
CA SER A 1041 -3.26 -27.92 1.72
C SER A 1041 -4.22 -28.36 2.79
N SER A 1042 -4.76 -29.58 2.64
CA SER A 1042 -5.71 -30.19 3.60
C SER A 1042 -4.98 -31.31 4.36
N HIS A 1043 -5.23 -31.39 5.67
CA HIS A 1043 -4.51 -32.32 6.55
C HIS A 1043 -5.40 -33.11 7.51
N SER A 1044 -5.16 -34.40 7.56
CA SER A 1044 -6.00 -35.21 8.47
C SER A 1044 -5.59 -34.99 9.93
C1 NAG B . -24.91 -21.03 -1.78
C2 NAG B . -26.16 -21.84 -1.38
C3 NAG B . -26.35 -23.14 -2.19
C4 NAG B . -26.27 -22.83 -3.68
C5 NAG B . -24.96 -22.10 -3.94
C6 NAG B . -24.72 -21.81 -5.40
C7 NAG B . -26.95 -21.59 0.87
C8 NAG B . -26.59 -21.64 2.36
N2 NAG B . -26.08 -22.17 0.04
O3 NAG B . -27.63 -23.69 -1.91
O4 NAG B . -26.33 -24.05 -4.45
O5 NAG B . -24.91 -20.83 -3.21
O6 NAG B . -23.33 -21.87 -5.66
O7 NAG B . -28.00 -21.04 0.49
P PO4 C . 21.02 -6.60 4.78
O1 PO4 C . 22.21 -5.56 5.07
O2 PO4 C . 21.21 -7.94 5.49
O3 PO4 C . 20.83 -6.80 3.20
O4 PO4 C . 19.76 -5.93 5.36
ZN ZN D . -14.46 7.99 -0.78
C1 W72 E . -12.32 11.69 -0.45
O1 W72 E . -11.16 11.93 0.30
C2 W72 E . -13.51 10.97 0.17
O2 W72 E . -13.53 9.56 0.35
C3 W72 E . -14.76 11.42 -0.56
N4 W72 E . -14.33 12.14 -1.82
C5 W72 E . -13.10 12.74 -1.24
C6 W72 E . -12.18 13.54 -2.16
O6 W72 E . -12.84 14.64 -2.76
C7 W72 E . -15.34 13.25 -1.98
C8 W72 E . -16.46 12.51 -2.71
O8 W72 E . -15.92 11.87 -3.88
C9 W72 E . -17.69 13.31 -3.16
O9 W72 E . -18.06 14.23 -2.14
C10 W72 E . -17.46 13.99 -4.51
O10 W72 E . -16.74 15.17 -4.15
C11 W72 E . -18.54 14.49 -5.48
O11 W72 E . -18.04 15.48 -6.38
C12 W72 E . -19.76 15.01 -4.69
O12 W72 E . -20.05 16.37 -4.47
O13 W72 E . -20.40 14.08 -4.17
C1 MPD F . -14.94 21.83 -12.47
C2 MPD F . -15.33 21.47 -13.88
O2 MPD F . -14.85 22.49 -14.77
CM MPD F . -14.68 20.14 -14.32
C3 MPD F . -16.86 21.50 -14.08
C4 MPD F . -17.70 20.42 -13.43
O4 MPD F . -18.85 20.10 -14.24
C5 MPD F . -18.18 20.86 -12.02
#